data_5XKR
#
_entry.id   5XKR
#
_cell.length_a   53.076
_cell.length_b   63.446
_cell.length_c   108.573
_cell.angle_alpha   90.00
_cell.angle_beta   89.99
_cell.angle_gamma   90.00
#
_symmetry.space_group_name_H-M   'P 1 21 1'
#
loop_
_entity.id
_entity.type
_entity.pdbx_description
1 polymer 'CMP/dCMP deaminase, zinc-binding protein'
2 non-polymer 6-phenyl-1,3,5-triazine-2,4-diamine
3 non-polymer 'ZINC ION'
4 non-polymer GLYCEROL
5 non-polymer 'ACETATE ION'
6 water water
#
_entity_poly.entity_id   1
_entity_poly.type   'polypeptide(L)'
_entity_poly.pdbx_seq_one_letter_code
;MAISDADLKYLRRCVDLAREALDDGDEPFGSVLVDHTGTTLFEDRNRVKDGDATAHPEFAIARWAARHLTPDRRARATVY
TSGEHCPMCAAAHAWVGLGRIVYATSSAQLGGWLTEWGAQAPPVATLPINTVAPGVVVDGPAEELAETMHNLYRAKFGR
;
_entity_poly.pdbx_strand_id   A,B,C,D
#
# COMPACT_ATOMS: atom_id res chain seq x y z
N ALA A 2 22.92 10.53 -15.47
CA ALA A 2 24.26 9.97 -15.75
C ALA A 2 24.10 9.02 -16.92
N ILE A 3 24.51 9.47 -18.10
CA ILE A 3 24.58 8.65 -19.28
C ILE A 3 26.05 8.69 -19.70
N SER A 4 26.69 7.57 -19.50
CA SER A 4 28.11 7.41 -19.78
C SER A 4 28.35 7.23 -21.27
N ASP A 5 29.61 7.30 -21.69
CA ASP A 5 29.94 6.93 -23.06
C ASP A 5 29.51 5.51 -23.42
N ALA A 6 29.64 4.55 -22.50
CA ALA A 6 29.21 3.19 -22.73
C ALA A 6 27.67 3.12 -22.93
N ASP A 7 26.97 3.88 -22.12
CA ASP A 7 25.49 3.94 -22.22
C ASP A 7 25.14 4.48 -23.61
N LEU A 8 25.80 5.55 -24.06
CA LEU A 8 25.48 6.12 -25.39
CA LEU A 8 25.50 6.12 -25.36
C LEU A 8 25.74 5.12 -26.50
N LYS A 9 26.79 4.29 -26.39
CA LYS A 9 27.03 3.28 -27.38
C LYS A 9 25.83 2.31 -27.52
N TYR A 10 25.28 1.86 -26.38
CA TYR A 10 24.13 0.97 -26.43
C TYR A 10 22.91 1.72 -26.96
N LEU A 11 22.74 2.97 -26.59
CA LEU A 11 21.65 3.76 -27.14
C LEU A 11 21.75 3.88 -28.66
N ARG A 12 22.96 4.10 -29.17
CA ARG A 12 23.14 4.14 -30.62
C ARG A 12 22.77 2.83 -31.28
N ARG A 13 23.06 1.69 -30.65
CA ARG A 13 22.61 0.42 -31.17
C ARG A 13 21.06 0.32 -31.21
N CYS A 14 20.45 0.90 -30.17
CA CYS A 14 18.97 0.96 -30.18
C CYS A 14 18.41 1.79 -31.32
N VAL A 15 19.09 2.90 -31.64
CA VAL A 15 18.72 3.70 -32.80
C VAL A 15 18.86 2.88 -34.08
N ASP A 16 19.95 2.14 -34.21
CA ASP A 16 20.12 1.30 -35.39
C ASP A 16 19.01 0.24 -35.53
N LEU A 17 18.60 -0.32 -34.37
CA LEU A 17 17.51 -1.29 -34.38
C LEU A 17 16.16 -0.64 -34.72
N ALA A 18 15.94 0.59 -34.25
CA ALA A 18 14.79 1.33 -34.66
C ALA A 18 14.74 1.55 -36.20
N ARG A 19 15.91 1.89 -36.76
CA ARG A 19 15.98 2.07 -38.21
C ARG A 19 15.76 0.76 -38.96
N GLU A 20 16.27 -0.35 -38.42
CA GLU A 20 15.94 -1.67 -39.01
C GLU A 20 14.47 -1.90 -39.05
N ALA A 21 13.79 -1.55 -37.96
CA ALA A 21 12.37 -1.72 -37.93
C ALA A 21 11.68 -0.87 -38.96
N LEU A 22 12.05 0.41 -39.05
CA LEU A 22 11.48 1.31 -40.06
C LEU A 22 11.64 0.77 -41.49
N ASP A 23 12.82 0.30 -41.74
CA ASP A 23 13.13 -0.21 -43.10
C ASP A 23 12.43 -1.52 -43.39
N ASP A 24 12.01 -2.25 -42.37
CA ASP A 24 11.18 -3.47 -42.53
C ASP A 24 9.69 -3.17 -42.48
N GLY A 25 9.26 -1.91 -42.58
CA GLY A 25 7.87 -1.64 -42.64
C GLY A 25 7.19 -1.55 -41.26
N ASP A 26 7.99 -1.44 -40.21
CA ASP A 26 7.52 -1.41 -38.83
C ASP A 26 7.80 -0.05 -38.24
N GLU A 27 7.59 0.07 -36.92
CA GLU A 27 7.75 1.33 -36.23
C GLU A 27 9.13 1.44 -35.58
N PRO A 28 9.70 2.68 -35.56
CA PRO A 28 11.09 2.83 -35.14
C PRO A 28 11.32 2.88 -33.62
N PHE A 29 11.27 1.72 -33.01
CA PHE A 29 11.55 1.50 -31.60
C PHE A 29 12.49 0.32 -31.48
N GLY A 30 13.63 0.48 -30.81
CA GLY A 30 14.59 -0.54 -30.61
C GLY A 30 15.04 -0.61 -29.17
N SER A 31 15.41 -1.81 -28.71
CA SER A 31 15.83 -1.99 -27.34
CA SER A 31 15.83 -1.98 -27.34
C SER A 31 16.85 -3.11 -27.22
N VAL A 32 17.74 -2.99 -26.23
CA VAL A 32 18.83 -3.91 -25.97
CA VAL A 32 18.70 -4.02 -25.99
C VAL A 32 18.86 -4.27 -24.49
N LEU A 33 18.99 -5.56 -24.17
CA LEU A 33 19.23 -6.07 -22.84
C LEU A 33 20.70 -6.43 -22.62
N VAL A 34 21.29 -5.85 -21.60
CA VAL A 34 22.74 -6.02 -21.32
C VAL A 34 22.91 -6.57 -19.97
N ASP A 35 23.71 -7.63 -19.88
CA ASP A 35 24.08 -8.22 -18.59
C ASP A 35 25.00 -7.32 -17.81
N HIS A 36 25.04 -7.46 -16.48
CA HIS A 36 25.91 -6.60 -15.69
C HIS A 36 27.40 -6.82 -16.05
N THR A 37 27.72 -8.00 -16.62
CA THR A 37 29.11 -8.36 -17.07
C THR A 37 29.47 -7.64 -18.35
N GLY A 38 28.52 -6.89 -18.93
CA GLY A 38 28.68 -6.14 -20.16
C GLY A 38 28.28 -6.86 -21.45
N THR A 39 27.91 -8.13 -21.36
CA THR A 39 27.52 -8.90 -22.51
C THR A 39 26.08 -8.53 -22.96
N THR A 40 25.88 -8.26 -24.23
CA THR A 40 24.53 -8.05 -24.79
C THR A 40 23.87 -9.42 -24.73
N LEU A 41 22.65 -9.51 -24.16
CA LEU A 41 21.88 -10.76 -24.09
C LEU A 41 20.82 -10.93 -25.13
N PHE A 42 20.14 -9.83 -25.50
CA PHE A 42 19.01 -9.87 -26.39
CA PHE A 42 18.98 -9.86 -26.38
C PHE A 42 18.76 -8.48 -26.94
N GLU A 43 18.42 -8.43 -28.21
CA GLU A 43 18.14 -7.21 -28.95
C GLU A 43 16.85 -7.36 -29.68
N ASP A 44 16.04 -6.30 -29.79
CA ASP A 44 14.79 -6.41 -30.53
C ASP A 44 14.28 -5.04 -30.97
N ARG A 45 13.25 -5.03 -31.80
CA ARG A 45 12.57 -3.81 -32.22
C ARG A 45 11.08 -4.05 -32.44
N ASN A 46 10.29 -3.02 -32.70
CA ASN A 46 8.85 -3.18 -32.87
C ASN A 46 8.56 -4.16 -34.00
N ARG A 47 7.55 -4.96 -33.79
CA ARG A 47 7.05 -5.95 -34.76
C ARG A 47 5.54 -5.87 -34.85
N VAL A 48 4.97 -4.68 -34.94
CA VAL A 48 3.54 -4.49 -34.92
C VAL A 48 2.90 -4.59 -36.29
N LYS A 49 3.71 -4.66 -37.35
CA LYS A 49 3.09 -4.56 -38.69
C LYS A 49 2.18 -5.73 -39.03
N ASP A 50 2.30 -6.86 -38.34
CA ASP A 50 1.39 -8.01 -38.62
C ASP A 50 0.13 -7.99 -37.78
N GLY A 51 -0.19 -6.86 -37.16
CA GLY A 51 -1.45 -6.62 -36.55
C GLY A 51 -1.56 -6.62 -35.03
N ASP A 52 -0.46 -6.91 -34.37
CA ASP A 52 -0.48 -6.93 -32.88
C ASP A 52 0.31 -5.69 -32.39
N ALA A 53 -0.46 -4.75 -31.93
CA ALA A 53 0.07 -3.47 -31.47
C ALA A 53 0.81 -3.62 -30.10
N THR A 54 0.79 -4.78 -29.47
CA THR A 54 1.60 -5.01 -28.27
C THR A 54 2.99 -5.55 -28.54
N ALA A 55 3.39 -5.66 -29.83
CA ALA A 55 4.67 -6.27 -30.18
C ALA A 55 5.81 -5.28 -30.06
N HIS A 56 6.08 -4.89 -28.81
CA HIS A 56 7.14 -3.96 -28.44
C HIS A 56 8.36 -4.69 -27.94
N PRO A 57 9.55 -4.14 -28.23
CA PRO A 57 10.77 -4.86 -27.89
C PRO A 57 11.04 -4.92 -26.39
N GLU A 58 10.64 -3.88 -25.66
CA GLU A 58 10.87 -3.92 -24.22
C GLU A 58 10.08 -5.02 -23.57
N PHE A 59 8.89 -5.28 -24.11
CA PHE A 59 8.08 -6.37 -23.59
C PHE A 59 8.70 -7.69 -23.90
N ALA A 60 9.15 -7.84 -25.15
CA ALA A 60 9.83 -9.07 -25.53
C ALA A 60 11.05 -9.32 -24.64
N ILE A 61 11.78 -8.25 -24.32
CA ILE A 61 12.91 -8.34 -23.43
C ILE A 61 12.47 -8.83 -22.05
N ALA A 62 11.38 -8.32 -21.50
CA ALA A 62 10.93 -8.76 -20.21
C ALA A 62 10.57 -10.22 -20.17
N ARG A 63 9.86 -10.70 -21.17
CA ARG A 63 9.53 -12.10 -21.20
C ARG A 63 10.73 -13.01 -21.48
N TRP A 64 11.62 -12.54 -22.33
CA TRP A 64 12.86 -13.31 -22.58
C TRP A 64 13.64 -13.42 -21.28
N ALA A 65 13.78 -12.33 -20.56
CA ALA A 65 14.50 -12.33 -19.30
C ALA A 65 13.87 -13.26 -18.30
N ALA A 66 12.55 -13.27 -18.17
CA ALA A 66 11.93 -14.18 -17.21
C ALA A 66 12.18 -15.63 -17.64
N ARG A 67 12.27 -15.93 -18.92
CA ARG A 67 12.46 -17.32 -19.41
C ARG A 67 13.90 -17.74 -19.23
N HIS A 68 14.85 -16.85 -19.46
CA HIS A 68 16.28 -17.27 -19.60
C HIS A 68 17.18 -16.88 -18.49
N LEU A 69 16.79 -15.97 -17.61
CA LEU A 69 17.67 -15.44 -16.59
C LEU A 69 17.14 -15.67 -15.21
N THR A 70 17.99 -15.93 -14.25
CA THR A 70 17.62 -15.96 -12.87
C THR A 70 17.18 -14.59 -12.38
N PRO A 71 16.41 -14.53 -11.30
CA PRO A 71 16.08 -13.26 -10.70
C PRO A 71 17.27 -12.38 -10.39
N ASP A 72 18.36 -12.98 -9.85
CA ASP A 72 19.52 -12.19 -9.56
C ASP A 72 20.15 -11.58 -10.79
N ARG A 73 20.25 -12.34 -11.84
CA ARG A 73 20.78 -11.83 -13.11
CA ARG A 73 20.78 -11.81 -13.11
C ARG A 73 19.89 -10.72 -13.68
N ARG A 74 18.58 -10.88 -13.61
CA ARG A 74 17.67 -9.87 -14.13
CA ARG A 74 17.66 -9.87 -14.10
C ARG A 74 17.84 -8.59 -13.36
N ALA A 75 17.98 -8.66 -12.05
CA ALA A 75 18.05 -7.48 -11.24
C ALA A 75 19.26 -6.63 -11.59
N ARG A 76 20.30 -7.28 -12.06
CA ARG A 76 21.58 -6.61 -12.35
C ARG A 76 21.71 -6.21 -13.79
N ALA A 77 20.77 -6.63 -14.64
CA ALA A 77 20.80 -6.30 -16.08
C ALA A 77 20.32 -4.87 -16.34
N THR A 78 20.68 -4.31 -17.48
CA THR A 78 20.22 -2.96 -17.91
C THR A 78 19.49 -3.10 -19.22
N VAL A 79 18.40 -2.32 -19.37
CA VAL A 79 17.69 -2.22 -20.61
C VAL A 79 17.89 -0.84 -21.17
N TYR A 80 18.36 -0.81 -22.41
CA TYR A 80 18.48 0.40 -23.19
C TYR A 80 17.38 0.42 -24.22
N THR A 81 16.85 1.61 -24.46
CA THR A 81 15.77 1.77 -25.42
C THR A 81 15.86 3.10 -26.16
N SER A 82 15.53 3.10 -27.46
CA SER A 82 15.49 4.36 -28.19
C SER A 82 14.41 5.30 -27.71
N GLY A 83 13.28 4.74 -27.30
CA GLY A 83 12.13 5.51 -26.82
C GLY A 83 11.72 4.96 -25.46
N GLU A 84 11.51 5.83 -24.52
CA GLU A 84 11.05 5.46 -23.20
C GLU A 84 9.86 4.50 -23.28
N HIS A 85 9.90 3.48 -22.42
CA HIS A 85 8.85 2.47 -22.34
C HIS A 85 7.47 3.08 -22.22
N CYS A 86 6.50 2.55 -22.95
CA CYS A 86 5.10 2.80 -22.69
C CYS A 86 4.72 2.10 -21.38
N PRO A 87 3.51 2.39 -20.88
CA PRO A 87 3.16 1.76 -19.61
C PRO A 87 3.14 0.26 -19.61
N MET A 88 2.78 -0.32 -20.76
CA MET A 88 2.75 -1.78 -20.87
C MET A 88 4.12 -2.34 -20.56
N CYS A 89 5.11 -1.73 -21.23
CA CYS A 89 6.49 -2.22 -21.15
C CYS A 89 7.15 -1.87 -19.84
N ALA A 90 6.87 -0.68 -19.32
CA ALA A 90 7.41 -0.31 -17.98
C ALA A 90 6.92 -1.28 -16.93
N ALA A 91 5.63 -1.59 -16.97
CA ALA A 91 5.08 -2.49 -16.00
C ALA A 91 5.66 -3.89 -16.14
N ALA A 92 5.79 -4.38 -17.38
CA ALA A 92 6.36 -5.71 -17.58
C ALA A 92 7.80 -5.78 -17.00
N HIS A 93 8.58 -4.75 -17.23
CA HIS A 93 9.96 -4.69 -16.73
C HIS A 93 9.97 -4.80 -15.20
N ALA A 94 9.12 -4.05 -14.55
CA ALA A 94 8.98 -4.14 -13.11
C ALA A 94 8.51 -5.49 -12.65
N TRP A 95 7.50 -6.09 -13.31
CA TRP A 95 7.05 -7.39 -12.89
C TRP A 95 8.14 -8.43 -12.88
N VAL A 96 8.99 -8.43 -13.91
CA VAL A 96 10.00 -9.48 -14.02
C VAL A 96 11.26 -9.06 -13.22
N GLY A 97 11.31 -7.90 -12.62
CA GLY A 97 12.47 -7.53 -11.79
C GLY A 97 13.72 -7.24 -12.54
N LEU A 98 13.62 -6.62 -13.70
CA LEU A 98 14.80 -6.11 -14.37
C LEU A 98 15.34 -4.85 -13.69
N GLY A 99 16.56 -4.50 -14.07
CA GLY A 99 17.30 -3.42 -13.41
C GLY A 99 17.11 -2.07 -14.05
N ARG A 100 18.18 -1.32 -14.23
CA ARG A 100 18.14 0.04 -14.74
C ARG A 100 17.61 0.11 -16.19
N ILE A 101 16.90 1.18 -16.49
CA ILE A 101 16.48 1.54 -17.85
C ILE A 101 17.20 2.83 -18.23
N VAL A 102 17.71 2.83 -19.45
CA VAL A 102 18.27 4.04 -20.06
C VAL A 102 17.52 4.29 -21.38
N TYR A 103 16.98 5.48 -21.58
CA TYR A 103 16.28 5.76 -22.81
C TYR A 103 16.89 6.97 -23.56
N ALA A 104 16.79 6.94 -24.87
CA ALA A 104 17.35 8.04 -25.68
C ALA A 104 16.43 9.18 -25.76
N THR A 105 15.11 8.97 -25.95
CA THR A 105 14.11 9.98 -26.02
C THR A 105 12.97 9.66 -25.08
N SER A 106 12.40 10.68 -24.44
CA SER A 106 11.29 10.45 -23.48
C SER A 106 9.99 10.25 -24.20
N SER A 107 9.06 9.65 -23.48
CA SER A 107 7.74 9.50 -24.05
CA SER A 107 7.69 9.52 -23.87
C SER A 107 7.02 10.87 -24.16
N ALA A 108 7.37 11.83 -23.31
CA ALA A 108 6.87 13.22 -23.50
C ALA A 108 7.38 13.82 -24.81
N GLN A 109 8.63 13.55 -25.18
CA GLN A 109 9.16 14.06 -26.43
C GLN A 109 8.40 13.44 -27.60
N LEU A 110 8.23 12.10 -27.60
CA LEU A 110 7.44 11.51 -28.66
C LEU A 110 6.02 12.05 -28.73
N GLY A 111 5.36 12.12 -27.58
CA GLY A 111 4.00 12.64 -27.59
C GLY A 111 3.88 14.02 -28.17
N GLY A 112 4.84 14.88 -27.84
CA GLY A 112 4.85 16.24 -28.36
C GLY A 112 5.05 16.29 -29.86
N TRP A 113 5.94 15.45 -30.37
CA TRP A 113 6.18 15.39 -31.82
C TRP A 113 4.96 14.88 -32.58
N LEU A 114 4.32 13.84 -32.04
CA LEU A 114 3.09 13.34 -32.63
C LEU A 114 2.02 14.43 -32.72
N THR A 115 1.85 15.20 -31.65
CA THR A 115 0.84 16.26 -31.64
C THR A 115 1.17 17.31 -32.71
N GLU A 116 2.46 17.65 -32.87
CA GLU A 116 2.93 18.61 -33.88
CA GLU A 116 2.83 18.64 -33.82
C GLU A 116 2.48 18.16 -35.25
N TRP A 117 2.59 16.87 -35.53
CA TRP A 117 2.26 16.30 -36.83
C TRP A 117 0.75 16.13 -37.05
N GLY A 118 -0.04 16.31 -36.01
CA GLY A 118 -1.45 15.90 -36.09
C GLY A 118 -1.61 14.43 -36.22
N ALA A 119 -0.62 13.64 -35.78
CA ALA A 119 -0.70 12.19 -35.83
C ALA A 119 -1.60 11.74 -34.67
N GLN A 120 -2.21 10.58 -34.86
CA GLN A 120 -3.08 9.99 -33.85
C GLN A 120 -2.28 9.73 -32.55
N ALA A 121 -2.72 10.27 -31.42
CA ALA A 121 -2.06 9.96 -30.14
C ALA A 121 -2.18 8.46 -29.86
N PRO A 122 -1.15 7.91 -29.19
CA PRO A 122 -1.25 6.53 -28.68
C PRO A 122 -2.55 6.39 -27.81
N PRO A 123 -3.19 5.19 -27.78
CA PRO A 123 -4.32 4.98 -26.88
C PRO A 123 -3.90 4.73 -25.39
N VAL A 124 -2.61 4.82 -25.14
CA VAL A 124 -2.06 4.77 -23.82
C VAL A 124 -1.47 6.11 -23.50
N ALA A 125 -1.61 6.53 -22.24
CA ALA A 125 -0.99 7.74 -21.76
C ALA A 125 0.51 7.60 -21.77
N THR A 126 1.20 8.73 -22.01
CA THR A 126 2.64 8.77 -22.05
C THR A 126 3.20 8.95 -20.64
N LEU A 127 2.87 8.01 -19.78
CA LEU A 127 3.29 8.10 -18.37
C LEU A 127 4.77 7.91 -18.25
N PRO A 128 5.47 8.71 -17.46
CA PRO A 128 6.85 8.38 -17.18
C PRO A 128 7.01 7.04 -16.55
N ILE A 129 8.10 6.35 -16.79
CA ILE A 129 8.33 5.02 -16.24
C ILE A 129 8.02 4.98 -14.76
N ASN A 130 8.53 5.92 -13.98
CA ASN A 130 8.37 5.79 -12.53
C ASN A 130 6.96 6.02 -12.03
N THR A 131 6.06 6.58 -12.81
CA THR A 131 4.65 6.59 -12.43
C THR A 131 4.08 5.19 -12.42
N VAL A 132 4.54 4.35 -13.36
CA VAL A 132 4.11 2.96 -13.49
C VAL A 132 4.87 2.03 -12.59
N ALA A 133 6.18 2.22 -12.53
CA ALA A 133 7.16 1.28 -11.91
C ALA A 133 7.99 2.12 -10.91
N PRO A 134 7.49 2.33 -9.69
CA PRO A 134 8.11 3.32 -8.83
C PRO A 134 9.54 3.03 -8.42
N GLY A 135 9.91 1.77 -8.36
CA GLY A 135 11.24 1.38 -7.87
C GLY A 135 12.33 1.29 -8.91
N VAL A 136 12.00 1.48 -10.18
CA VAL A 136 13.03 1.26 -11.23
C VAL A 136 13.96 2.46 -11.36
N VAL A 137 15.26 2.21 -11.51
CA VAL A 137 16.22 3.24 -11.75
C VAL A 137 16.18 3.62 -13.27
N VAL A 138 15.89 4.86 -13.55
CA VAL A 138 15.72 5.33 -14.95
C VAL A 138 16.65 6.51 -15.25
N ASP A 139 17.37 6.42 -16.36
CA ASP A 139 18.17 7.55 -16.83
C ASP A 139 17.74 7.87 -18.25
N GLY A 140 17.82 9.14 -18.62
CA GLY A 140 17.49 9.63 -19.95
C GLY A 140 16.76 10.92 -19.83
N PRO A 141 16.54 11.61 -20.94
CA PRO A 141 16.92 11.28 -22.28
C PRO A 141 18.37 11.63 -22.63
N ALA A 142 18.84 11.29 -23.82
CA ALA A 142 20.21 11.61 -24.25
C ALA A 142 20.10 12.71 -25.30
N GLU A 143 20.48 13.94 -24.94
CA GLU A 143 20.41 15.09 -25.85
C GLU A 143 21.05 14.83 -27.20
N GLU A 144 22.14 14.10 -27.25
CA GLU A 144 22.89 13.82 -28.47
C GLU A 144 22.10 13.09 -29.52
N LEU A 145 21.06 12.36 -29.07
CA LEU A 145 20.28 11.53 -29.96
C LEU A 145 18.89 12.06 -30.20
N ALA A 146 18.55 13.22 -29.68
CA ALA A 146 17.22 13.84 -29.88
C ALA A 146 16.87 14.05 -31.35
N GLU A 147 17.77 14.67 -32.09
CA GLU A 147 17.51 14.95 -33.48
C GLU A 147 17.40 13.70 -34.32
N THR A 148 18.30 12.74 -34.10
CA THR A 148 18.27 11.51 -34.83
C THR A 148 16.92 10.78 -34.66
N MET A 149 16.49 10.70 -33.41
CA MET A 149 15.18 10.08 -33.14
C MET A 149 14.00 10.85 -33.66
N HIS A 150 14.04 12.19 -33.55
CA HIS A 150 13.03 13.01 -34.18
C HIS A 150 12.89 12.67 -35.67
N ASN A 151 14.05 12.52 -36.34
CA ASN A 151 13.99 12.20 -37.77
C ASN A 151 13.43 10.83 -38.05
N LEU A 152 13.77 9.79 -37.28
CA LEU A 152 13.18 8.49 -37.45
C LEU A 152 11.68 8.48 -37.21
N TYR A 153 11.28 9.16 -36.11
CA TYR A 153 9.87 9.27 -35.85
C TYR A 153 9.14 10.00 -36.96
N ARG A 154 9.78 11.05 -37.50
CA ARG A 154 9.16 11.75 -38.62
C ARG A 154 8.95 10.87 -39.84
N ALA A 155 9.91 10.00 -40.09
CA ALA A 155 9.78 9.07 -41.23
C ALA A 155 8.56 8.19 -41.10
N LYS A 156 8.22 7.76 -39.88
CA LYS A 156 7.07 6.89 -39.69
C LYS A 156 5.78 7.62 -39.46
N PHE A 157 5.81 8.71 -38.71
CA PHE A 157 4.60 9.31 -38.19
C PHE A 157 4.36 10.72 -38.67
N GLY A 158 5.30 11.34 -39.38
CA GLY A 158 5.13 12.62 -39.95
C GLY A 158 4.05 12.63 -41.00
N ARG A 159 3.39 13.75 -41.19
CA ARG A 159 2.35 13.80 -42.21
C ARG A 159 2.12 15.19 -42.71
N ALA B 2 -25.59 0.17 -9.62
CA ALA B 2 -24.76 -1.03 -9.37
C ALA B 2 -24.44 -1.77 -10.69
N ILE B 3 -23.96 -3.00 -10.60
CA ILE B 3 -23.51 -3.78 -11.78
C ILE B 3 -24.69 -4.53 -12.38
N SER B 4 -24.76 -4.69 -13.71
CA SER B 4 -25.93 -5.49 -14.25
C SER B 4 -25.92 -6.94 -13.83
N ASP B 5 -27.06 -7.61 -13.83
CA ASP B 5 -27.11 -8.98 -13.47
C ASP B 5 -26.28 -9.85 -14.42
N ALA B 6 -26.34 -9.58 -15.70
CA ALA B 6 -25.57 -10.34 -16.63
C ALA B 6 -24.05 -10.14 -16.44
N ASP B 7 -23.68 -8.91 -16.15
CA ASP B 7 -22.25 -8.62 -15.90
C ASP B 7 -21.81 -9.36 -14.65
N LEU B 8 -22.63 -9.42 -13.60
CA LEU B 8 -22.23 -10.06 -12.37
C LEU B 8 -22.05 -11.54 -12.60
N LYS B 9 -22.81 -12.20 -13.48
CA LYS B 9 -22.65 -13.61 -13.75
C LYS B 9 -21.26 -13.85 -14.36
N TYR B 10 -20.80 -13.01 -15.29
CA TYR B 10 -19.46 -13.23 -15.81
CA TYR B 10 -19.48 -13.17 -15.85
C TYR B 10 -18.40 -12.91 -14.80
N LEU B 11 -18.63 -11.92 -13.93
CA LEU B 11 -17.65 -11.70 -12.84
C LEU B 11 -17.57 -12.90 -11.93
N ARG B 12 -18.67 -13.59 -11.65
CA ARG B 12 -18.60 -14.79 -10.82
C ARG B 12 -17.79 -15.87 -11.52
N ARG B 13 -17.87 -15.97 -12.85
CA ARG B 13 -17.01 -16.90 -13.58
C ARG B 13 -15.52 -16.52 -13.37
N CYS B 14 -15.23 -15.23 -13.41
CA CYS B 14 -13.88 -14.76 -13.15
C CYS B 14 -13.41 -15.15 -11.79
N VAL B 15 -14.23 -15.05 -10.77
CA VAL B 15 -13.86 -15.49 -9.44
C VAL B 15 -13.61 -16.97 -9.43
N ASP B 16 -14.41 -17.77 -10.12
CA ASP B 16 -14.14 -19.20 -10.25
C ASP B 16 -12.82 -19.50 -10.90
N LEU B 17 -12.42 -18.71 -11.90
CA LEU B 17 -11.11 -18.86 -12.51
C LEU B 17 -9.98 -18.48 -11.60
N ALA B 18 -10.19 -17.41 -10.81
CA ALA B 18 -9.20 -17.05 -9.76
C ALA B 18 -9.02 -18.15 -8.75
N ARG B 19 -10.09 -18.79 -8.35
CA ARG B 19 -10.01 -19.97 -7.47
C ARG B 19 -9.29 -21.14 -8.13
N GLU B 20 -9.54 -21.43 -9.40
CA GLU B 20 -8.79 -22.45 -10.15
C GLU B 20 -7.29 -22.14 -10.09
N ALA B 21 -6.93 -20.85 -10.26
CA ALA B 21 -5.53 -20.46 -10.26
C ALA B 21 -4.92 -20.71 -8.91
N LEU B 22 -5.60 -20.29 -7.84
CA LEU B 22 -5.07 -20.54 -6.50
CA LEU B 22 -5.08 -20.53 -6.50
C LEU B 22 -4.92 -22.02 -6.25
N ASP B 23 -5.88 -22.82 -6.65
CA ASP B 23 -5.82 -24.25 -6.37
C ASP B 23 -4.72 -24.90 -7.18
N ASP B 24 -4.24 -24.32 -8.26
CA ASP B 24 -3.11 -24.82 -9.05
C ASP B 24 -1.81 -24.15 -8.66
N GLY B 25 -1.73 -23.51 -7.51
CA GLY B 25 -0.49 -22.96 -7.04
C GLY B 25 -0.15 -21.61 -7.64
N ASP B 26 -1.16 -20.94 -8.22
CA ASP B 26 -0.94 -19.66 -8.88
C ASP B 26 -1.64 -18.57 -8.09
N GLU B 27 -1.69 -17.38 -8.68
CA GLU B 27 -2.29 -16.18 -8.03
C GLU B 27 -3.72 -16.02 -8.46
N PRO B 28 -4.59 -15.55 -7.55
CA PRO B 28 -6.04 -15.55 -7.78
C PRO B 28 -6.54 -14.39 -8.62
N PHE B 29 -6.34 -14.49 -9.93
CA PHE B 29 -6.78 -13.50 -10.91
C PHE B 29 -7.33 -14.25 -12.07
N GLY B 30 -8.58 -13.94 -12.46
CA GLY B 30 -9.24 -14.61 -13.59
C GLY B 30 -9.91 -13.58 -14.47
N SER B 31 -10.01 -13.91 -15.77
CA SER B 31 -10.60 -12.97 -16.72
CA SER B 31 -10.60 -12.97 -16.74
C SER B 31 -11.25 -13.72 -17.87
N VAL B 32 -12.30 -13.12 -18.44
CA VAL B 32 -13.14 -13.69 -19.52
CA VAL B 32 -12.97 -13.70 -19.60
C VAL B 32 -13.33 -12.63 -20.61
N LEU B 33 -13.19 -13.02 -21.86
CA LEU B 33 -13.50 -12.17 -23.02
C LEU B 33 -14.83 -12.63 -23.62
N VAL B 34 -15.76 -11.70 -23.72
CA VAL B 34 -17.16 -11.97 -24.16
C VAL B 34 -17.44 -11.06 -25.33
N ASP B 35 -17.92 -11.65 -26.44
CA ASP B 35 -18.27 -10.80 -27.56
C ASP B 35 -19.63 -10.13 -27.42
N HIS B 36 -19.95 -9.23 -28.36
CA HIS B 36 -21.17 -8.39 -28.26
C HIS B 36 -22.44 -9.21 -28.44
N THR B 37 -22.30 -10.45 -28.91
CA THR B 37 -23.42 -11.42 -28.92
C THR B 37 -23.61 -12.17 -27.61
N GLY B 38 -22.74 -11.97 -26.61
CA GLY B 38 -22.81 -12.67 -25.35
C GLY B 38 -22.16 -14.05 -25.42
N THR B 39 -21.29 -14.28 -26.37
CA THR B 39 -20.59 -15.54 -26.49
C THR B 39 -19.22 -15.37 -25.81
N THR B 40 -18.91 -16.26 -24.90
CA THR B 40 -17.54 -16.31 -24.31
C THR B 40 -16.55 -16.77 -25.37
N LEU B 41 -15.50 -15.99 -25.60
CA LEU B 41 -14.47 -16.32 -26.57
C LEU B 41 -13.20 -16.87 -26.01
N PHE B 42 -12.85 -16.49 -24.77
CA PHE B 42 -11.56 -16.89 -24.19
C PHE B 42 -11.64 -16.70 -22.71
N GLU B 43 -11.13 -17.61 -21.92
CA GLU B 43 -11.12 -17.54 -20.47
C GLU B 43 -9.72 -17.85 -20.00
N ASP B 44 -9.22 -17.16 -18.98
CA ASP B 44 -7.86 -17.45 -18.52
C ASP B 44 -7.68 -17.01 -17.07
N ARG B 45 -6.55 -17.37 -16.47
CA ARG B 45 -6.20 -16.96 -15.12
C ARG B 45 -4.69 -16.82 -15.02
N ASN B 46 -4.20 -16.30 -13.91
CA ASN B 46 -2.74 -16.11 -13.78
C ASN B 46 -2.01 -17.43 -13.93
N ARG B 47 -0.87 -17.35 -14.58
CA ARG B 47 0.05 -18.50 -14.79
C ARG B 47 1.47 -18.13 -14.47
N VAL B 48 1.67 -17.45 -13.34
CA VAL B 48 3.01 -16.95 -12.96
C VAL B 48 3.85 -18.01 -12.24
N LYS B 49 3.32 -19.17 -11.88
CA LYS B 49 4.10 -20.03 -11.00
C LYS B 49 5.37 -20.62 -11.65
N ASP B 50 5.44 -20.67 -12.98
CA ASP B 50 6.64 -21.17 -13.68
C ASP B 50 7.68 -20.08 -13.87
N GLY B 51 7.51 -18.93 -13.27
CA GLY B 51 8.57 -17.92 -13.19
C GLY B 51 8.39 -16.65 -13.97
N ASP B 52 7.30 -16.53 -14.70
CA ASP B 52 7.05 -15.33 -15.52
C ASP B 52 5.95 -14.51 -14.85
N ALA B 53 6.33 -13.44 -14.18
CA ALA B 53 5.36 -12.63 -13.47
C ALA B 53 4.52 -11.78 -14.39
N THR B 54 4.76 -11.80 -15.68
CA THR B 54 3.88 -11.11 -16.65
C THR B 54 2.73 -12.02 -17.14
N ALA B 55 2.61 -13.25 -16.62
CA ALA B 55 1.62 -14.19 -17.12
C ALA B 55 0.23 -13.92 -16.56
N HIS B 56 -0.33 -12.80 -17.01
CA HIS B 56 -1.67 -12.33 -16.58
C HIS B 56 -2.69 -12.66 -17.64
N PRO B 57 -3.91 -12.96 -17.19
CA PRO B 57 -4.97 -13.35 -18.14
C PRO B 57 -5.47 -12.22 -19.03
N GLU B 58 -5.48 -11.01 -18.51
CA GLU B 58 -5.93 -9.92 -19.31
C GLU B 58 -4.98 -9.70 -20.47
N PHE B 59 -3.68 -9.87 -20.25
CA PHE B 59 -2.67 -9.72 -21.31
C PHE B 59 -2.83 -10.83 -22.34
N ALA B 60 -3.02 -12.08 -21.88
CA ALA B 60 -3.28 -13.15 -22.79
C ALA B 60 -4.50 -12.82 -23.65
N ILE B 61 -5.56 -12.31 -23.05
CA ILE B 61 -6.76 -11.92 -23.79
C ILE B 61 -6.46 -10.88 -24.83
N ALA B 62 -5.67 -9.87 -24.51
CA ALA B 62 -5.33 -8.85 -25.48
C ALA B 62 -4.62 -9.43 -26.66
N ARG B 63 -3.60 -10.27 -26.45
CA ARG B 63 -2.91 -10.87 -27.61
C ARG B 63 -3.81 -11.85 -28.36
N TRP B 64 -4.64 -12.60 -27.68
CA TRP B 64 -5.59 -13.51 -28.36
C TRP B 64 -6.51 -12.70 -29.23
N ALA B 65 -7.02 -11.57 -28.76
CA ALA B 65 -7.94 -10.75 -29.50
C ALA B 65 -7.26 -10.20 -30.71
N ALA B 66 -6.03 -9.74 -30.61
CA ALA B 66 -5.31 -9.18 -31.75
C ALA B 66 -5.14 -10.26 -32.82
N ARG B 67 -4.88 -11.48 -32.41
CA ARG B 67 -4.68 -12.59 -33.34
C ARG B 67 -5.98 -13.02 -34.00
N HIS B 68 -7.08 -13.10 -33.27
CA HIS B 68 -8.30 -13.81 -33.72
C HIS B 68 -9.45 -12.96 -34.10
N LEU B 69 -9.51 -11.71 -33.71
CA LEU B 69 -10.62 -10.86 -33.94
C LEU B 69 -10.31 -9.65 -34.77
N THR B 70 -11.27 -9.22 -35.57
CA THR B 70 -11.10 -7.97 -36.30
C THR B 70 -11.12 -6.79 -35.33
N PRO B 71 -10.57 -5.65 -35.73
CA PRO B 71 -10.70 -4.46 -34.91
C PRO B 71 -12.12 -4.14 -34.50
N ASP B 72 -13.08 -4.29 -35.43
CA ASP B 72 -14.46 -4.01 -35.09
C ASP B 72 -14.98 -4.94 -34.00
N ARG B 73 -14.74 -6.21 -34.15
CA ARG B 73 -15.17 -7.15 -33.16
C ARG B 73 -14.49 -6.89 -31.78
N ARG B 74 -13.19 -6.57 -31.79
CA ARG B 74 -12.52 -6.21 -30.52
C ARG B 74 -13.15 -5.06 -29.82
N ALA B 75 -13.50 -4.00 -30.58
CA ALA B 75 -14.08 -2.82 -29.99
C ALA B 75 -15.42 -3.03 -29.32
N ARG B 76 -16.16 -4.02 -29.77
CA ARG B 76 -17.46 -4.32 -29.27
C ARG B 76 -17.52 -5.42 -28.20
N ALA B 77 -16.36 -6.00 -27.93
CA ALA B 77 -16.23 -7.08 -26.93
C ALA B 77 -16.08 -6.47 -25.54
N THR B 78 -16.27 -7.30 -24.53
CA THR B 78 -16.12 -6.89 -23.13
C THR B 78 -15.11 -7.84 -22.51
N VAL B 79 -14.22 -7.30 -21.66
CA VAL B 79 -13.35 -8.09 -20.79
C VAL B 79 -13.83 -7.96 -19.36
N TYR B 80 -14.16 -9.10 -18.77
CA TYR B 80 -14.49 -9.22 -17.38
C TYR B 80 -13.26 -9.68 -16.61
N THR B 81 -13.03 -9.15 -15.42
CA THR B 81 -11.88 -9.53 -14.64
C THR B 81 -12.24 -9.56 -13.16
N SER B 82 -11.67 -10.49 -12.39
CA SER B 82 -11.85 -10.48 -10.95
C SER B 82 -11.18 -9.31 -10.29
N GLY B 83 -10.07 -8.89 -10.82
CA GLY B 83 -9.30 -7.76 -10.30
C GLY B 83 -8.97 -6.81 -11.42
N GLU B 84 -9.14 -5.52 -11.19
CA GLU B 84 -8.83 -4.50 -12.15
C GLU B 84 -7.45 -4.72 -12.76
N HIS B 85 -7.32 -4.54 -14.06
CA HIS B 85 -6.08 -4.63 -14.80
C HIS B 85 -4.97 -3.86 -14.15
N CYS B 86 -3.82 -4.47 -14.00
CA CYS B 86 -2.59 -3.74 -13.74
C CYS B 86 -2.24 -2.88 -14.91
N PRO B 87 -1.26 -1.98 -14.76
CA PRO B 87 -0.93 -1.12 -15.90
C PRO B 87 -0.45 -1.83 -17.14
N MET B 88 0.23 -2.97 -16.97
CA MET B 88 0.64 -3.76 -18.13
C MET B 88 -0.55 -4.16 -18.96
N CYS B 89 -1.54 -4.73 -18.27
CA CYS B 89 -2.71 -5.27 -18.92
C CYS B 89 -3.63 -4.20 -19.44
N ALA B 90 -3.78 -3.10 -18.70
CA ALA B 90 -4.64 -2.00 -19.17
C ALA B 90 -4.04 -1.43 -20.45
N ALA B 91 -2.71 -1.25 -20.48
CA ALA B 91 -2.11 -0.74 -21.70
C ALA B 91 -2.22 -1.71 -22.86
N ALA B 92 -2.02 -2.98 -22.62
CA ALA B 92 -2.16 -3.97 -23.72
C ALA B 92 -3.59 -3.95 -24.26
N HIS B 93 -4.59 -3.87 -23.41
CA HIS B 93 -5.98 -3.80 -23.80
C HIS B 93 -6.23 -2.61 -24.72
N ALA B 94 -5.71 -1.46 -24.33
CA ALA B 94 -5.84 -0.26 -25.12
C ALA B 94 -5.10 -0.37 -26.44
N TRP B 95 -3.90 -0.93 -26.43
CA TRP B 95 -3.15 -1.06 -27.68
C TRP B 95 -3.92 -1.85 -28.71
N VAL B 96 -4.52 -2.96 -28.31
CA VAL B 96 -5.20 -3.82 -29.29
C VAL B 96 -6.61 -3.30 -29.59
N GLY B 97 -7.10 -2.30 -28.90
CA GLY B 97 -8.40 -1.76 -29.26
C GLY B 97 -9.55 -2.57 -28.74
N LEU B 98 -9.41 -3.22 -27.60
CA LEU B 98 -10.56 -3.87 -26.93
C LEU B 98 -11.49 -2.85 -26.34
N GLY B 99 -12.70 -3.31 -26.07
CA GLY B 99 -13.79 -2.47 -25.59
C GLY B 99 -13.87 -2.32 -24.09
N ARG B 100 -15.08 -2.49 -23.58
CA ARG B 100 -15.39 -2.28 -22.19
CA ARG B 100 -15.35 -2.24 -22.17
C ARG B 100 -14.61 -3.24 -21.27
N ILE B 101 -14.27 -2.75 -20.09
CA ILE B 101 -13.75 -3.59 -18.99
C ILE B 101 -14.71 -3.52 -17.86
N VAL B 102 -15.02 -4.66 -17.24
CA VAL B 102 -15.80 -4.72 -16.02
C VAL B 102 -14.96 -5.52 -14.99
N TYR B 103 -14.72 -4.93 -13.84
CA TYR B 103 -13.96 -5.60 -12.79
C TYR B 103 -14.73 -5.83 -11.53
N ALA B 104 -14.42 -6.91 -10.80
CA ALA B 104 -15.07 -7.22 -9.56
C ALA B 104 -14.53 -6.44 -8.43
N THR B 105 -13.21 -6.26 -8.38
CA THR B 105 -12.54 -5.47 -7.37
C THR B 105 -11.56 -4.53 -8.02
N SER B 106 -11.43 -3.34 -7.46
CA SER B 106 -10.53 -2.34 -8.00
C SER B 106 -9.10 -2.57 -7.48
N SER B 107 -8.17 -1.91 -8.15
N SER B 107 -8.10 -1.99 -8.14
CA SER B 107 -6.79 -1.85 -7.68
CA SER B 107 -6.74 -2.06 -7.57
C SER B 107 -6.64 -1.07 -6.40
C SER B 107 -6.62 -1.07 -6.37
N ALA B 108 -7.58 -0.17 -6.18
CA ALA B 108 -7.63 0.57 -4.90
C ALA B 108 -7.96 -0.40 -3.76
N GLN B 109 -8.94 -1.27 -3.96
CA GLN B 109 -9.23 -2.31 -2.99
C GLN B 109 -8.02 -3.20 -2.73
N LEU B 110 -7.41 -3.71 -3.78
CA LEU B 110 -6.26 -4.60 -3.64
C LEU B 110 -5.13 -3.94 -2.85
N GLY B 111 -4.76 -2.73 -3.27
CA GLY B 111 -3.65 -2.02 -2.58
C GLY B 111 -3.99 -1.72 -1.13
N GLY B 112 -5.24 -1.35 -0.86
CA GLY B 112 -5.67 -1.07 0.53
C GLY B 112 -5.61 -2.33 1.37
N TRP B 113 -5.95 -3.48 0.82
CA TRP B 113 -5.90 -4.74 1.58
CA TRP B 113 -5.93 -4.72 1.59
C TRP B 113 -4.49 -5.17 1.83
N LEU B 114 -3.60 -5.01 0.84
CA LEU B 114 -2.20 -5.38 1.07
C LEU B 114 -1.63 -4.61 2.24
N THR B 115 -1.91 -3.31 2.29
CA THR B 115 -1.36 -2.50 3.39
C THR B 115 -1.98 -2.88 4.73
N GLU B 116 -3.24 -3.28 4.74
CA GLU B 116 -3.88 -3.77 5.95
C GLU B 116 -3.13 -4.96 6.49
N TRP B 117 -2.72 -5.87 5.60
CA TRP B 117 -2.05 -7.11 5.99
C TRP B 117 -0.58 -6.97 6.21
N GLY B 118 -0.02 -5.76 6.07
CA GLY B 118 1.43 -5.61 6.20
C GLY B 118 2.20 -6.24 5.04
N ALA B 119 1.52 -6.45 3.91
CA ALA B 119 2.15 -7.12 2.74
C ALA B 119 2.81 -6.07 1.86
N GLN B 120 3.80 -6.49 1.11
CA GLN B 120 4.45 -5.62 0.17
CA GLN B 120 4.46 -5.63 0.16
C GLN B 120 3.52 -5.21 -0.99
N ALA B 121 3.67 -4.01 -1.44
CA ALA B 121 2.98 -3.59 -2.65
C ALA B 121 3.55 -4.35 -3.87
N PRO B 122 2.74 -4.48 -4.92
CA PRO B 122 3.30 -4.97 -6.17
C PRO B 122 4.39 -4.00 -6.67
N PRO B 123 5.26 -4.46 -7.57
CA PRO B 123 6.28 -3.59 -8.14
C PRO B 123 5.77 -2.63 -9.20
N VAL B 124 4.49 -2.69 -9.51
CA VAL B 124 3.78 -1.72 -10.36
CA VAL B 124 3.82 -1.76 -10.39
C VAL B 124 2.82 -0.97 -9.54
N ALA B 125 2.74 0.31 -9.75
CA ALA B 125 1.75 1.12 -9.09
C ALA B 125 0.35 0.68 -9.48
N THR B 126 -0.56 0.78 -8.53
CA THR B 126 -1.94 0.37 -8.71
C THR B 126 -2.75 1.46 -9.39
N LEU B 127 -2.34 1.82 -10.61
CA LEU B 127 -2.98 2.88 -11.35
C LEU B 127 -4.34 2.49 -11.82
N PRO B 128 -5.37 3.27 -11.69
CA PRO B 128 -6.63 2.94 -12.31
C PRO B 128 -6.47 2.80 -13.83
N ILE B 129 -7.32 1.94 -14.40
CA ILE B 129 -7.25 1.71 -15.84
C ILE B 129 -7.20 3.03 -16.59
N ASN B 130 -8.07 3.98 -16.26
CA ASN B 130 -8.16 5.19 -17.07
C ASN B 130 -6.99 6.14 -16.91
N THR B 131 -6.12 5.94 -15.94
CA THR B 131 -4.85 6.67 -15.88
C THR B 131 -3.93 6.18 -17.00
N VAL B 132 -3.99 4.87 -17.28
CA VAL B 132 -3.15 4.27 -18.30
C VAL B 132 -3.78 4.39 -19.66
N ALA B 133 -5.07 4.16 -19.74
CA ALA B 133 -5.81 3.96 -20.99
C ALA B 133 -7.07 4.89 -20.91
N PRO B 134 -6.89 6.16 -21.23
CA PRO B 134 -7.96 7.14 -20.95
C PRO B 134 -9.23 6.94 -21.69
N GLY B 135 -9.23 6.25 -22.79
CA GLY B 135 -10.45 6.08 -23.57
C GLY B 135 -11.32 4.86 -23.27
N VAL B 136 -10.89 3.99 -22.36
CA VAL B 136 -11.54 2.75 -22.17
C VAL B 136 -12.73 2.94 -21.25
N VAL B 137 -13.85 2.34 -21.59
CA VAL B 137 -15.02 2.31 -20.75
C VAL B 137 -14.85 1.31 -19.63
N VAL B 138 -14.94 1.72 -18.38
CA VAL B 138 -14.64 0.84 -17.24
C VAL B 138 -15.78 0.84 -16.30
N ASP B 139 -16.23 -0.32 -15.86
CA ASP B 139 -17.27 -0.46 -14.83
C ASP B 139 -16.75 -1.37 -13.72
N GLY B 140 -17.27 -1.17 -12.53
CA GLY B 140 -16.89 -1.89 -11.32
C GLY B 140 -16.53 -0.93 -10.23
N PRO B 141 -16.32 -1.39 -9.02
CA PRO B 141 -16.32 -2.79 -8.63
C PRO B 141 -17.69 -3.32 -8.29
N ALA B 142 -17.79 -4.59 -7.95
CA ALA B 142 -19.03 -5.30 -7.63
C ALA B 142 -19.07 -5.57 -6.16
N GLU B 143 -19.93 -4.86 -5.43
CA GLU B 143 -20.04 -5.00 -3.98
C GLU B 143 -20.26 -6.40 -3.53
N GLU B 144 -21.02 -7.18 -4.27
CA GLU B 144 -21.36 -8.54 -3.89
C GLU B 144 -20.17 -9.44 -3.82
N LEU B 145 -19.07 -9.06 -4.50
CA LEU B 145 -17.88 -9.94 -4.61
C LEU B 145 -16.71 -9.43 -3.79
N ALA B 146 -16.87 -8.32 -3.05
CA ALA B 146 -15.79 -7.79 -2.26
C ALA B 146 -15.27 -8.75 -1.22
N GLU B 147 -16.14 -9.36 -0.45
CA GLU B 147 -15.72 -10.24 0.62
C GLU B 147 -15.00 -11.47 0.07
N THR B 148 -15.55 -12.07 -0.98
CA THR B 148 -14.93 -13.22 -1.60
C THR B 148 -13.52 -12.89 -2.05
N MET B 149 -13.35 -11.77 -2.77
CA MET B 149 -12.02 -11.43 -3.26
C MET B 149 -11.08 -11.03 -2.15
N HIS B 150 -11.57 -10.33 -1.15
CA HIS B 150 -10.78 -10.09 0.06
C HIS B 150 -10.18 -11.42 0.59
N ASN B 151 -11.05 -12.42 0.66
CA ASN B 151 -10.61 -13.69 1.26
C ASN B 151 -9.65 -14.40 0.38
N LEU B 152 -9.85 -14.37 -0.95
CA LEU B 152 -8.88 -14.99 -1.93
CA LEU B 152 -9.00 -15.02 -1.86
C LEU B 152 -7.60 -14.31 -1.88
N TYR B 153 -7.60 -12.96 -1.93
CA TYR B 153 -6.35 -12.26 -1.88
C TYR B 153 -5.60 -12.47 -0.55
N ARG B 154 -6.34 -12.50 0.55
CA ARG B 154 -5.71 -12.73 1.85
C ARG B 154 -5.02 -14.09 1.92
N ALA B 155 -5.67 -15.09 1.32
CA ALA B 155 -5.12 -16.45 1.32
C ALA B 155 -3.79 -16.45 0.58
N LYS B 156 -3.63 -15.76 -0.53
CA LYS B 156 -2.41 -15.79 -1.28
C LYS B 156 -1.39 -14.80 -0.77
N PHE B 157 -1.80 -13.57 -0.43
CA PHE B 157 -0.90 -12.48 -0.21
C PHE B 157 -0.85 -11.99 1.21
N GLY B 158 -1.73 -12.41 2.08
CA GLY B 158 -1.82 -11.88 3.45
C GLY B 158 -1.32 -12.74 4.53
N ARG B 159 -0.55 -13.76 4.22
CA ARG B 159 0.09 -14.68 5.20
C ARG B 159 1.24 -14.00 5.91
CA ALA C 2 -25.24 6.52 3.77
C ALA C 2 -25.23 7.36 5.04
N ILE C 3 -24.43 8.43 5.03
CA ILE C 3 -24.08 9.16 6.28
C ILE C 3 -25.16 10.18 6.61
N SER C 4 -25.48 10.40 7.91
CA SER C 4 -26.53 11.48 8.19
C SER C 4 -26.10 12.85 7.85
N ASP C 5 -27.04 13.75 7.59
CA ASP C 5 -26.70 15.11 7.28
C ASP C 5 -25.94 15.80 8.40
N ALA C 6 -26.35 15.60 9.62
CA ALA C 6 -25.63 16.19 10.73
C ALA C 6 -24.21 15.63 10.88
N ASP C 7 -24.06 14.33 10.66
CA ASP C 7 -22.71 13.72 10.72
C ASP C 7 -21.85 14.32 9.61
N LEU C 8 -22.38 14.51 8.40
CA LEU C 8 -21.59 15.02 7.32
CA LEU C 8 -21.62 15.11 7.30
C LEU C 8 -21.11 16.46 7.63
N LYS C 9 -21.90 17.28 8.32
CA LYS C 9 -21.48 18.61 8.66
C LYS C 9 -20.23 18.56 9.58
N TYR C 10 -20.20 17.65 10.54
CA TYR C 10 -19.01 17.58 11.38
CA TYR C 10 -19.05 17.50 11.41
C TYR C 10 -17.84 16.99 10.62
N LEU C 11 -18.09 16.08 9.68
CA LEU C 11 -16.97 15.59 8.83
C LEU C 11 -16.42 16.72 8.02
N ARG C 12 -17.25 17.65 7.51
CA ARG C 12 -16.73 18.78 6.75
C ARG C 12 -15.87 19.66 7.63
N ARG C 13 -16.22 19.80 8.91
CA ARG C 13 -15.35 20.52 9.84
C ARG C 13 -13.99 19.81 9.97
N CYS C 14 -14.01 18.49 10.05
CA CYS C 14 -12.76 17.73 10.07
C CYS C 14 -11.90 17.95 8.86
N VAL C 15 -12.50 18.04 7.69
CA VAL C 15 -11.75 18.34 6.48
C VAL C 15 -11.17 19.72 6.57
N ASP C 16 -11.90 20.70 7.08
CA ASP C 16 -11.34 22.03 7.30
C ASP C 16 -10.17 22.04 8.24
N LEU C 17 -10.21 21.21 9.29
CA LEU C 17 -9.09 21.08 10.19
C LEU C 17 -7.89 20.41 9.54
N ALA C 18 -8.14 19.41 8.69
CA ALA C 18 -7.06 18.82 7.88
C ALA C 18 -6.42 19.82 6.97
N ARG C 19 -7.20 20.68 6.36
CA ARG C 19 -6.66 21.80 5.55
C ARG C 19 -5.86 22.78 6.38
N GLU C 20 -6.31 23.13 7.58
CA GLU C 20 -5.51 23.98 8.46
CA GLU C 20 -5.52 23.97 8.50
C GLU C 20 -4.17 23.32 8.76
N ALA C 21 -4.16 22.00 8.99
CA ALA C 21 -2.92 21.30 9.27
C ALA C 21 -1.98 21.37 8.10
N LEU C 22 -2.47 21.10 6.89
CA LEU C 22 -1.63 21.19 5.70
CA LEU C 22 -1.62 21.17 5.72
C LEU C 22 -1.07 22.59 5.55
N ASP C 23 -1.91 23.59 5.73
CA ASP C 23 -1.47 24.97 5.51
C ASP C 23 -0.45 25.38 6.58
N ASP C 24 -0.37 24.72 7.71
CA ASP C 24 0.63 24.95 8.73
C ASP C 24 1.82 24.00 8.65
N GLY C 25 2.01 23.34 7.52
CA GLY C 25 3.16 22.51 7.34
C GLY C 25 3.05 21.15 7.97
N ASP C 26 1.82 20.73 8.30
CA ASP C 26 1.56 19.45 8.94
C ASP C 26 0.84 18.52 7.97
N GLU C 27 0.40 17.39 8.52
CA GLU C 27 -0.31 16.35 7.72
C GLU C 27 -1.81 16.55 7.81
N PRO C 28 -2.54 16.27 6.72
CA PRO C 28 -3.97 16.58 6.62
C PRO C 28 -4.90 15.58 7.31
N PHE C 29 -4.95 15.68 8.62
CA PHE C 29 -5.83 14.83 9.44
C PHE C 29 -6.43 15.72 10.48
N GLY C 30 -7.77 15.70 10.57
CA GLY C 30 -8.49 16.54 11.55
C GLY C 30 -9.57 15.72 12.22
N SER C 31 -9.88 16.09 13.47
CA SER C 31 -10.88 15.33 14.25
CA SER C 31 -10.88 15.34 14.25
C SER C 31 -11.58 16.24 15.23
N VAL C 32 -12.84 15.90 15.53
CA VAL C 32 -13.74 16.68 16.40
CA VAL C 32 -13.59 16.64 16.52
C VAL C 32 -14.39 15.71 17.40
N LEU C 33 -14.44 16.10 18.67
CA LEU C 33 -15.21 15.40 19.70
C LEU C 33 -16.51 16.12 20.00
N VAL C 34 -17.62 15.43 19.86
CA VAL C 34 -18.96 16.06 20.01
C VAL C 34 -19.70 15.26 21.06
N ASP C 35 -20.29 15.96 22.02
CA ASP C 35 -21.06 15.24 23.01
C ASP C 35 -22.47 14.89 22.56
N HIS C 36 -23.17 14.11 23.40
CA HIS C 36 -24.51 13.57 23.02
C HIS C 36 -25.57 14.67 22.91
N THR C 37 -25.26 15.86 23.40
CA THR C 37 -26.13 17.03 23.21
CA THR C 37 -26.12 17.04 23.21
C THR C 37 -25.85 17.78 21.90
N GLY C 38 -24.83 17.36 21.12
CA GLY C 38 -24.43 18.04 19.89
C GLY C 38 -23.52 19.23 20.13
N THR C 39 -22.87 19.31 21.26
CA THR C 39 -21.94 20.36 21.55
C THR C 39 -20.52 19.86 21.19
N THR C 40 -19.81 20.62 20.40
CA THR C 40 -18.36 20.34 20.15
C THR C 40 -17.54 20.62 21.40
N LEU C 41 -16.81 19.61 21.86
CA LEU C 41 -15.98 19.72 23.05
C LEU C 41 -14.52 19.98 22.81
N PHE C 42 -13.99 19.49 21.67
CA PHE C 42 -12.55 19.58 21.40
C PHE C 42 -12.35 19.37 19.93
N GLU C 43 -11.49 20.11 19.31
CA GLU C 43 -11.14 19.99 17.88
C GLU C 43 -9.64 19.97 17.76
N ASP C 44 -9.09 19.16 16.85
CA ASP C 44 -7.63 19.12 16.71
C ASP C 44 -7.26 18.62 15.34
N ARG C 45 -5.98 18.69 15.02
CA ARG C 45 -5.43 18.17 13.78
C ARG C 45 -4.00 17.70 14.01
N ASN C 46 -3.42 17.05 13.02
CA ASN C 46 -2.05 16.53 13.21
C ASN C 46 -1.10 17.66 13.57
N ARG C 47 -0.15 17.33 14.44
CA ARG C 47 0.90 18.25 14.90
C ARG C 47 2.25 17.56 14.89
N VAL C 48 2.55 16.85 13.82
CA VAL C 48 3.77 16.05 13.73
C VAL C 48 4.98 16.86 13.23
N LYS C 49 4.81 18.10 12.83
CA LYS C 49 5.95 18.74 12.18
C LYS C 49 7.13 19.04 13.10
N ASP C 50 6.91 19.13 14.39
CA ASP C 50 8.02 19.34 15.35
C ASP C 50 8.72 18.05 15.74
N GLY C 51 8.43 16.95 15.08
CA GLY C 51 9.20 15.71 15.18
C GLY C 51 8.58 14.54 15.91
N ASP C 52 7.35 14.70 16.38
CA ASP C 52 6.68 13.60 17.08
C ASP C 52 5.58 13.04 16.17
N ALA C 53 5.87 11.90 15.55
CA ALA C 53 4.91 11.30 14.65
C ALA C 53 3.71 10.68 15.35
N THR C 54 3.66 10.71 16.65
CA THR C 54 2.47 10.26 17.39
C THR C 54 1.47 11.39 17.62
N ALA C 55 1.74 12.61 17.11
CA ALA C 55 0.91 13.76 17.41
C ALA C 55 -0.34 13.80 16.53
N HIS C 56 -1.25 12.85 16.81
CA HIS C 56 -2.50 12.70 16.09
C HIS C 56 -3.65 13.25 16.91
N PRO C 57 -4.63 13.82 16.20
CA PRO C 57 -5.76 14.47 16.90
C PRO C 57 -6.68 13.51 17.63
N GLU C 58 -6.84 12.31 17.08
CA GLU C 58 -7.69 11.36 17.74
C GLU C 58 -7.10 10.96 19.09
N PHE C 59 -5.79 10.83 19.15
CA PHE C 59 -5.11 10.49 20.39
C PHE C 59 -5.23 11.64 21.39
N ALA C 60 -5.05 12.88 20.92
CA ALA C 60 -5.26 14.01 21.80
C ALA C 60 -6.67 13.99 22.35
N ILE C 61 -7.66 13.72 21.52
CA ILE C 61 -9.04 13.62 21.96
C ILE C 61 -9.23 12.58 23.01
N ALA C 62 -8.64 11.40 22.85
CA ALA C 62 -8.79 10.35 23.85
C ALA C 62 -8.24 10.80 25.18
N ARG C 63 -7.05 11.38 25.23
CA ARG C 63 -6.51 11.83 26.52
C ARG C 63 -7.28 13.02 27.07
N TRP C 64 -7.77 13.92 26.23
CA TRP C 64 -8.58 15.04 26.73
C TRP C 64 -9.86 14.47 27.33
N ALA C 65 -10.50 13.48 26.72
CA ALA C 65 -11.71 12.91 27.21
C ALA C 65 -11.46 12.23 28.54
N ALA C 66 -10.36 11.51 28.71
CA ALA C 66 -10.06 10.84 29.98
C ALA C 66 -9.90 11.89 31.07
N ARG C 67 -9.30 13.02 30.75
CA ARG C 67 -9.08 14.08 31.75
C ARG C 67 -10.36 14.82 32.10
N HIS C 68 -11.23 15.10 31.14
CA HIS C 68 -12.32 16.07 31.33
C HIS C 68 -13.69 15.52 31.43
N LEU C 69 -13.94 14.29 31.01
CA LEU C 69 -15.25 13.73 30.94
C LEU C 69 -15.38 12.51 31.81
N THR C 70 -16.59 12.32 32.35
CA THR C 70 -16.85 11.10 33.08
C THR C 70 -16.95 9.92 32.11
N PRO C 71 -16.78 8.69 32.59
CA PRO C 71 -16.98 7.54 31.73
C PRO C 71 -18.29 7.56 31.00
N ASP C 72 -19.38 7.95 31.68
CA ASP C 72 -20.68 7.96 31.04
C ASP C 72 -20.72 8.95 29.89
N ARG C 73 -20.22 10.14 30.10
CA ARG C 73 -20.20 11.13 29.05
C ARG C 73 -19.31 10.69 27.87
N ARG C 74 -18.16 10.08 28.17
CA ARG C 74 -17.31 9.56 27.07
C ARG C 74 -18.02 8.55 26.23
N ALA C 75 -18.76 7.64 26.87
CA ALA C 75 -19.41 6.58 26.14
C ALA C 75 -20.49 7.08 25.18
N ARG C 76 -21.08 8.22 25.47
CA ARG C 76 -22.16 8.80 24.70
C ARG C 76 -21.72 9.83 23.68
N ALA C 77 -20.43 10.12 23.68
CA ALA C 77 -19.83 11.13 22.77
C ALA C 77 -19.49 10.47 21.45
N THR C 78 -19.29 11.29 20.45
CA THR C 78 -18.90 10.83 19.10
C THR C 78 -17.62 11.51 18.73
N VAL C 79 -16.70 10.75 18.09
CA VAL C 79 -15.50 11.31 17.46
C VAL C 79 -15.66 11.27 15.97
N TYR C 80 -15.57 12.43 15.32
CA TYR C 80 -15.55 12.58 13.89
C TYR C 80 -14.12 12.75 13.45
N THR C 81 -13.75 12.13 12.33
CA THR C 81 -12.39 12.24 11.82
C THR C 81 -12.39 12.30 10.32
N SER C 82 -11.49 13.05 9.72
CA SER C 82 -11.31 13.05 8.28
C SER C 82 -10.78 11.75 7.74
N GLY C 83 -9.94 11.08 8.50
CA GLY C 83 -9.40 9.80 8.12
C GLY C 83 -9.53 8.82 9.26
N GLU C 84 -9.93 7.59 8.98
CA GLU C 84 -10.09 6.57 9.95
C GLU C 84 -8.86 6.47 10.86
N HIS C 85 -9.09 6.32 12.17
CA HIS C 85 -8.05 6.14 13.16
C HIS C 85 -7.01 5.11 12.74
N CYS C 86 -5.74 5.47 12.89
CA CYS C 86 -4.70 4.47 12.87
C CYS C 86 -4.82 3.58 14.09
N PRO C 87 -4.09 2.47 14.13
CA PRO C 87 -4.20 1.58 15.31
C PRO C 87 -3.87 2.20 16.65
N MET C 88 -2.92 3.14 16.65
CA MET C 88 -2.61 3.86 17.89
C MET C 88 -3.83 4.54 18.44
N CYS C 89 -4.49 5.30 17.57
CA CYS C 89 -5.62 6.11 17.95
C CYS C 89 -6.85 5.29 18.21
N ALA C 90 -7.08 4.24 17.44
CA ALA C 90 -8.22 3.36 17.68
C ALA C 90 -8.11 2.71 19.04
N ALA C 91 -6.88 2.24 19.36
CA ALA C 91 -6.71 1.62 20.67
C ALA C 91 -6.86 2.62 21.80
N ALA C 92 -6.32 3.83 21.65
CA ALA C 92 -6.48 4.84 22.71
C ALA C 92 -7.95 5.15 22.93
N HIS C 93 -8.71 5.29 21.87
CA HIS C 93 -10.15 5.54 21.94
C HIS C 93 -10.85 4.47 22.75
N ALA C 94 -10.54 3.23 22.45
CA ALA C 94 -11.10 2.10 23.15
C ALA C 94 -10.68 2.08 24.60
N TRP C 95 -9.42 2.36 24.88
CA TRP C 95 -8.94 2.33 26.27
C TRP C 95 -9.73 3.30 27.12
N VAL C 96 -9.96 4.51 26.63
CA VAL C 96 -10.64 5.52 27.45
C VAL C 96 -12.15 5.35 27.41
N GLY C 97 -12.69 4.48 26.61
CA GLY C 97 -14.12 4.25 26.65
C GLY C 97 -14.91 5.28 25.91
N LEU C 98 -14.38 5.86 24.84
CA LEU C 98 -15.19 6.74 23.97
C LEU C 98 -16.17 5.94 23.16
N GLY C 99 -17.14 6.65 22.62
CA GLY C 99 -18.26 6.05 21.89
C GLY C 99 -18.04 5.89 20.40
N ARG C 100 -19.01 6.32 19.63
CA ARG C 100 -19.01 6.10 18.19
CA ARG C 100 -19.03 6.14 18.20
C ARG C 100 -17.88 6.88 17.51
N ILE C 101 -17.42 6.30 16.40
CA ILE C 101 -16.48 6.98 15.49
C ILE C 101 -17.19 7.10 14.17
N VAL C 102 -17.04 8.27 13.54
CA VAL C 102 -17.49 8.47 12.16
C VAL C 102 -16.30 9.03 11.39
N TYR C 103 -15.95 8.38 10.28
CA TYR C 103 -14.83 8.83 9.46
C TYR C 103 -15.25 9.20 8.06
N ALA C 104 -14.53 10.17 7.47
CA ALA C 104 -14.79 10.58 6.12
C ALA C 104 -14.22 9.67 5.12
N THR C 105 -13.02 9.18 5.35
CA THR C 105 -12.32 8.23 4.50
C THR C 105 -11.77 7.12 5.33
N SER C 106 -11.78 5.91 4.79
CA SER C 106 -11.25 4.75 5.47
C SER C 106 -9.74 4.63 5.30
N SER C 107 -9.11 3.81 6.16
CA SER C 107 -7.71 3.44 5.98
CA SER C 107 -7.67 3.58 5.92
C SER C 107 -7.50 2.59 4.74
N ALA C 108 -8.55 1.90 4.30
CA ALA C 108 -8.47 1.16 3.03
C ALA C 108 -8.30 2.15 1.89
N GLN C 109 -9.07 3.25 1.87
CA GLN C 109 -8.90 4.28 0.88
C GLN C 109 -7.50 4.87 0.92
N LEU C 110 -7.03 5.26 2.11
CA LEU C 110 -5.71 5.86 2.24
C LEU C 110 -4.63 4.93 1.71
N GLY C 111 -4.64 3.68 2.17
CA GLY C 111 -3.59 2.73 1.74
C GLY C 111 -3.66 2.47 0.23
N GLY C 112 -4.86 2.38 -0.31
CA GLY C 112 -4.99 2.17 -1.77
C GLY C 112 -4.49 3.37 -2.55
N TRP C 113 -4.69 4.59 -2.05
CA TRP C 113 -4.19 5.77 -2.76
C TRP C 113 -2.69 5.86 -2.67
N LEU C 114 -2.09 5.54 -1.50
CA LEU C 114 -0.65 5.57 -1.41
C LEU C 114 -0.01 4.65 -2.42
N THR C 115 -0.57 3.47 -2.58
CA THR C 115 0.02 2.53 -3.55
C THR C 115 -0.20 3.01 -4.97
N GLU C 116 -1.31 3.67 -5.28
CA GLU C 116 -1.53 4.26 -6.58
C GLU C 116 -0.41 5.24 -6.90
N TRP C 117 0.01 6.05 -5.92
CA TRP C 117 1.00 7.09 -6.12
C TRP C 117 2.40 6.63 -6.03
N GLY C 118 2.61 5.34 -5.78
CA GLY C 118 3.98 4.85 -5.59
C GLY C 118 4.61 5.33 -4.28
N ALA C 119 3.77 5.70 -3.32
CA ALA C 119 4.24 6.23 -2.03
C ALA C 119 4.44 5.09 -1.05
N GLN C 120 5.30 5.32 -0.07
CA GLN C 120 5.51 4.33 0.97
CA GLN C 120 5.52 4.35 0.98
C GLN C 120 4.28 4.18 1.87
N ALA C 121 4.06 2.98 2.32
CA ALA C 121 3.00 2.77 3.33
C ALA C 121 3.45 3.39 4.67
N PRO C 122 2.48 3.73 5.51
CA PRO C 122 2.87 4.10 6.86
C PRO C 122 3.57 2.92 7.57
N PRO C 123 4.29 3.22 8.66
CA PRO C 123 4.92 2.14 9.41
C PRO C 123 3.98 1.36 10.30
N VAL C 124 2.72 1.72 10.34
CA VAL C 124 1.65 0.95 10.98
CA VAL C 124 1.67 1.01 11.03
C VAL C 124 0.74 0.42 9.95
N ALA C 125 0.31 -0.80 10.10
CA ALA C 125 -0.65 -1.40 9.22
C ALA C 125 -1.95 -0.64 9.28
N THR C 126 -2.62 -0.54 8.16
CA THR C 126 -3.87 0.17 8.03
C THR C 126 -5.05 -0.71 8.49
N LEU C 127 -5.02 -1.09 9.77
CA LEU C 127 -6.04 -1.96 10.31
C LEU C 127 -7.32 -1.24 10.49
N PRO C 128 -8.44 -1.79 10.11
CA PRO C 128 -9.71 -1.16 10.40
C PRO C 128 -9.87 -1.03 11.92
N ILE C 129 -10.61 0.01 12.31
CA ILE C 129 -10.80 0.27 13.75
C ILE C 129 -11.23 -1.03 14.45
N ASN C 130 -12.19 -1.76 13.91
CA ASN C 130 -12.75 -2.88 14.68
C ASN C 130 -11.82 -4.08 14.72
N THR C 131 -10.73 -4.12 13.98
CA THR C 131 -9.66 -5.12 14.20
C THR C 131 -8.94 -4.81 15.50
N VAL C 132 -8.76 -3.51 15.80
CA VAL C 132 -8.04 -3.09 16.99
C VAL C 132 -8.96 -3.03 18.18
N ALA C 133 -10.17 -2.53 17.98
CA ALA C 133 -11.13 -2.12 19.04
C ALA C 133 -12.49 -2.75 18.64
N PRO C 134 -12.68 -4.04 18.95
CA PRO C 134 -13.85 -4.74 18.43
C PRO C 134 -15.19 -4.22 18.87
N GLY C 135 -15.26 -3.53 19.96
CA GLY C 135 -16.55 -3.05 20.47
C GLY C 135 -17.06 -1.69 19.97
N VAL C 136 -16.22 -0.95 19.23
CA VAL C 136 -16.54 0.41 18.92
C VAL C 136 -17.51 0.46 17.77
N VAL C 137 -18.51 1.30 17.86
CA VAL C 137 -19.42 1.54 16.77
C VAL C 137 -18.77 2.47 15.76
N VAL C 138 -18.69 2.05 14.51
CA VAL C 138 -17.95 2.81 13.49
C VAL C 138 -18.80 3.06 12.29
N ASP C 139 -18.89 4.29 11.81
CA ASP C 139 -19.59 4.61 10.57
C ASP C 139 -18.65 5.35 9.64
N GLY C 140 -18.92 5.23 8.35
CA GLY C 140 -18.14 5.84 7.29
C GLY C 140 -17.79 4.78 6.27
N PRO C 141 -17.18 5.16 5.15
CA PRO C 141 -16.77 6.51 4.81
C PRO C 141 -17.88 7.33 4.19
N ALA C 142 -17.62 8.58 3.86
CA ALA C 142 -18.56 9.54 3.30
C ALA C 142 -18.21 9.77 1.85
N GLU C 143 -19.03 9.26 0.94
CA GLU C 143 -18.79 9.36 -0.48
C GLU C 143 -18.55 10.77 -0.93
N GLU C 144 -19.26 11.73 -0.37
CA GLU C 144 -19.20 13.12 -0.79
C GLU C 144 -17.83 13.73 -0.57
N LEU C 145 -17.04 13.14 0.33
CA LEU C 145 -15.74 13.70 0.73
C LEU C 145 -14.57 12.94 0.18
N ALA C 146 -14.80 11.88 -0.60
CA ALA C 146 -13.73 11.09 -1.16
C ALA C 146 -12.79 11.89 -2.04
N GLU C 147 -13.30 12.67 -2.96
CA GLU C 147 -12.45 13.40 -3.89
C GLU C 147 -11.63 14.45 -3.15
N THR C 148 -12.25 15.18 -2.22
CA THR C 148 -11.53 16.18 -1.46
C THR C 148 -10.36 15.56 -0.70
N MET C 149 -10.62 14.44 -0.01
CA MET C 149 -9.56 13.81 0.74
C MET C 149 -8.51 13.18 -0.11
N HIS C 150 -8.90 12.57 -1.23
CA HIS C 150 -7.92 12.12 -2.21
C HIS C 150 -6.96 13.29 -2.58
N ASN C 151 -7.53 14.45 -2.82
CA ASN C 151 -6.71 15.58 -3.27
C ASN C 151 -5.83 16.08 -2.17
N LEU C 152 -6.30 16.11 -0.93
CA LEU C 152 -5.46 16.52 0.25
CA LEU C 152 -5.56 16.58 0.17
C LEU C 152 -4.38 15.57 0.49
N TYR C 153 -4.68 14.26 0.51
CA TYR C 153 -3.65 13.29 0.72
CA TYR C 153 -3.66 13.29 0.75
C TYR C 153 -2.62 13.29 -0.39
N ARG C 154 -3.08 13.49 -1.62
CA ARG C 154 -2.13 13.51 -2.75
C ARG C 154 -1.17 14.69 -2.62
N ALA C 155 -1.69 15.83 -2.18
CA ALA C 155 -0.83 17.01 -2.01
C ALA C 155 0.29 16.73 -0.99
N LYS C 156 -0.01 16.04 0.10
CA LYS C 156 0.99 15.82 1.11
C LYS C 156 1.86 14.60 0.80
N PHE C 157 1.27 13.50 0.35
CA PHE C 157 1.92 12.20 0.31
C PHE C 157 2.19 11.68 -1.07
N GLY C 158 1.62 12.30 -2.10
CA GLY C 158 1.69 11.73 -3.46
C GLY C 158 2.58 12.39 -4.42
N ARG C 159 3.49 13.20 -3.95
CA ARG C 159 4.47 13.89 -4.84
C ARG C 159 5.74 13.08 -5.05
N ALA D 2 15.89 -15.17 19.90
CA ALA D 2 17.22 -14.95 20.52
C ALA D 2 17.00 -13.95 21.64
N ILE D 3 17.02 -14.45 22.86
CA ILE D 3 17.01 -13.63 24.05
C ILE D 3 18.30 -13.97 24.77
N SER D 4 19.22 -13.03 24.75
CA SER D 4 20.53 -13.18 25.36
C SER D 4 20.45 -13.04 26.87
N ASP D 5 21.54 -13.37 27.57
CA ASP D 5 21.61 -13.07 28.99
C ASP D 5 21.45 -11.60 29.28
N ALA D 6 22.04 -10.72 28.45
CA ALA D 6 21.87 -9.29 28.62
C ALA D 6 20.39 -8.86 28.46
N ASP D 7 19.73 -9.43 27.47
CA ASP D 7 18.27 -9.15 27.25
C ASP D 7 17.51 -9.55 28.50
N LEU D 8 17.82 -10.73 29.07
CA LEU D 8 17.09 -11.21 30.22
CA LEU D 8 17.09 -11.20 30.27
C LEU D 8 17.31 -10.26 31.43
N LYS D 9 18.50 -9.69 31.58
CA LYS D 9 18.73 -8.74 32.62
C LYS D 9 17.77 -7.54 32.53
N TYR D 10 17.62 -7.02 31.32
CA TYR D 10 16.73 -5.88 31.12
C TYR D 10 15.27 -6.30 31.36
N LEU D 11 14.88 -7.50 30.92
CA LEU D 11 13.55 -7.99 31.19
C LEU D 11 13.31 -8.08 32.69
N ARG D 12 14.29 -8.55 33.45
CA ARG D 12 14.10 -8.61 34.90
C ARG D 12 13.93 -7.25 35.51
N ARG D 13 14.60 -6.21 34.97
CA ARG D 13 14.35 -4.86 35.42
C ARG D 13 12.89 -4.40 35.11
N CYS D 14 12.39 -4.83 33.94
CA CYS D 14 10.98 -4.58 33.60
C CYS D 14 10.04 -5.23 34.59
N VAL D 15 10.35 -6.46 35.00
CA VAL D 15 9.54 -7.12 36.04
C VAL D 15 9.56 -6.32 37.35
N ASP D 16 10.74 -5.86 37.72
CA ASP D 16 10.81 -5.03 38.93
C ASP D 16 10.00 -3.74 38.84
N LEU D 17 10.00 -3.14 37.65
CA LEU D 17 9.17 -1.93 37.42
C LEU D 17 7.69 -2.26 37.47
N ALA D 18 7.32 -3.42 36.91
CA ALA D 18 5.98 -3.87 37.04
C ALA D 18 5.53 -4.04 38.51
N ARG D 19 6.42 -4.63 39.31
CA ARG D 19 6.13 -4.79 40.75
C ARG D 19 6.05 -3.44 41.45
N GLU D 20 6.91 -2.49 41.07
CA GLU D 20 6.75 -1.11 41.59
C GLU D 20 5.38 -0.57 41.33
N ALA D 21 4.90 -0.75 40.11
CA ALA D 21 3.60 -0.27 39.76
C ALA D 21 2.53 -0.92 40.57
N LEU D 22 2.58 -2.25 40.73
CA LEU D 22 1.62 -2.97 41.55
C LEU D 22 1.55 -2.44 43.01
N ASP D 23 2.73 -2.25 43.51
CA ASP D 23 2.81 -1.80 44.92
C ASP D 23 2.38 -0.35 45.08
N ASP D 24 2.41 0.44 44.02
CA ASP D 24 1.84 1.81 44.02
C ASP D 24 0.38 1.86 43.62
N GLY D 25 -0.34 0.74 43.61
CA GLY D 25 -1.71 0.79 43.33
C GLY D 25 -2.06 0.82 41.84
N ASP D 26 -1.08 0.50 40.98
CA ASP D 26 -1.26 0.54 39.54
C ASP D 26 -1.16 -0.86 39.00
N GLU D 27 -1.09 -0.96 37.66
CA GLU D 27 -1.07 -2.24 37.00
C GLU D 27 0.32 -2.68 36.65
N PRO D 28 0.60 -4.02 36.72
CA PRO D 28 1.97 -4.48 36.63
C PRO D 28 2.52 -4.64 35.20
N PHE D 29 2.89 -3.52 34.63
CA PHE D 29 3.51 -3.40 33.30
C PHE D 29 4.69 -2.47 33.44
N GLY D 30 5.88 -2.88 33.05
CA GLY D 30 7.09 -2.12 33.09
C GLY D 30 7.86 -2.20 31.80
N SER D 31 8.60 -1.13 31.48
CA SER D 31 9.36 -1.09 30.22
CA SER D 31 9.34 -1.08 30.22
C SER D 31 10.60 -0.22 30.36
N VAL D 32 11.62 -0.56 29.61
CA VAL D 32 12.89 0.12 29.62
C VAL D 32 13.32 0.39 28.18
N LEU D 33 13.81 1.61 27.95
CA LEU D 33 14.47 2.01 26.71
C LEU D 33 15.99 2.02 26.85
N VAL D 34 16.66 1.31 25.96
CA VAL D 34 18.13 1.13 26.02
C VAL D 34 18.72 1.59 24.74
N ASP D 35 19.76 2.44 24.85
CA ASP D 35 20.54 2.90 23.70
C ASP D 35 21.36 1.77 23.13
N HIS D 36 21.75 1.88 21.87
CA HIS D 36 22.56 0.84 21.26
C HIS D 36 23.92 0.71 21.95
N THR D 37 24.36 1.79 22.61
CA THR D 37 25.66 1.86 23.37
C THR D 37 25.54 1.14 24.70
N GLY D 38 24.35 0.58 25.00
CA GLY D 38 24.05 -0.14 26.23
C GLY D 38 23.56 0.68 27.40
N THR D 39 23.48 2.00 27.26
CA THR D 39 23.05 2.88 28.32
C THR D 39 21.49 2.85 28.44
N THR D 40 20.97 2.67 29.63
CA THR D 40 19.51 2.79 29.87
C THR D 40 19.21 4.28 29.69
N LEU D 41 18.22 4.61 28.86
CA LEU D 41 17.79 6.00 28.65
C LEU D 41 16.58 6.44 29.44
N PHE D 42 15.61 5.55 29.59
CA PHE D 42 14.34 5.86 30.20
C PHE D 42 13.65 4.57 30.67
N GLU D 43 13.03 4.64 31.81
CA GLU D 43 12.36 3.52 32.45
C GLU D 43 10.99 3.98 32.86
N ASP D 44 9.94 3.15 32.77
CA ASP D 44 8.62 3.56 33.22
C ASP D 44 7.73 2.35 33.50
N ARG D 45 6.58 2.62 34.08
CA ARG D 45 5.57 1.57 34.30
C ARG D 45 4.15 2.14 34.18
N ASN D 46 3.10 1.32 34.23
CA ASN D 46 1.73 1.81 34.07
C ASN D 46 1.45 2.87 35.13
N ARG D 47 0.72 3.87 34.71
CA ARG D 47 0.25 4.97 35.58
C ARG D 47 -1.22 5.23 35.35
N VAL D 48 -2.06 4.22 35.27
CA VAL D 48 -3.45 4.35 34.91
C VAL D 48 -4.35 4.63 36.11
N LYS D 49 -3.81 4.53 37.32
CA LYS D 49 -4.71 4.62 38.49
C LYS D 49 -5.37 5.98 38.66
N ASP D 50 -4.90 7.02 38.02
CA ASP D 50 -5.53 8.35 38.13
C ASP D 50 -6.53 8.61 37.02
N GLY D 51 -6.95 7.56 36.32
CA GLY D 51 -8.08 7.59 35.44
C GLY D 51 -7.83 7.59 33.92
N ASP D 52 -6.55 7.59 33.55
CA ASP D 52 -6.22 7.56 32.12
C ASP D 52 -5.67 6.18 31.75
N ALA D 53 -6.53 5.42 31.12
CA ALA D 53 -6.21 4.06 30.74
C ALA D 53 -5.18 4.00 29.59
N THR D 54 -4.78 5.10 29.00
CA THR D 54 -3.68 5.13 28.03
C THR D 54 -2.33 5.33 28.62
N ALA D 55 -2.21 5.39 29.96
CA ALA D 55 -0.93 5.70 30.60
C ALA D 55 -0.04 4.48 30.71
N HIS D 56 0.40 4.02 29.54
CA HIS D 56 1.28 2.85 29.38
C HIS D 56 2.74 3.27 29.20
N PRO D 57 3.68 2.47 29.75
CA PRO D 57 5.08 2.90 29.70
C PRO D 57 5.68 2.86 28.30
N GLU D 58 5.21 1.93 27.48
CA GLU D 58 5.75 1.85 26.12
C GLU D 58 5.42 3.09 25.35
N PHE D 59 4.23 3.64 25.59
CA PHE D 59 3.80 4.86 24.93
C PHE D 59 4.62 6.02 25.42
N ALA D 60 4.80 6.09 26.75
CA ALA D 60 5.66 7.15 27.28
C ALA D 60 7.07 7.08 26.70
N ILE D 61 7.59 5.86 26.52
CA ILE D 61 8.89 5.67 25.91
C ILE D 61 8.90 6.22 24.48
N ALA D 62 7.85 5.96 23.71
CA ALA D 62 7.81 6.44 22.34
C ALA D 62 7.81 7.94 22.28
N ARG D 63 7.03 8.60 23.10
CA ARG D 63 7.02 10.06 23.09
C ARG D 63 8.31 10.65 23.65
N TRP D 64 8.86 10.03 24.67
CA TRP D 64 10.15 10.51 25.20
C TRP D 64 11.22 10.40 24.14
N ALA D 65 11.25 9.31 23.42
CA ALA D 65 12.22 9.10 22.37
C ALA D 65 12.06 10.11 21.26
N ALA D 66 10.83 10.44 20.86
CA ALA D 66 10.65 11.42 19.80
C ALA D 66 11.11 12.80 20.32
N ARG D 67 10.96 13.08 21.59
CA ARG D 67 11.36 14.40 22.15
C ARG D 67 12.87 14.50 22.29
N HIS D 68 13.51 13.42 22.72
CA HIS D 68 14.94 13.50 23.18
C HIS D 68 15.95 12.90 22.28
N LEU D 69 15.57 12.07 21.32
CA LEU D 69 16.54 11.34 20.52
C LEU D 69 16.39 11.64 19.05
N THR D 70 17.48 11.65 18.32
CA THR D 70 17.42 11.75 16.88
C THR D 70 16.80 10.51 16.28
N PRO D 71 16.31 10.58 15.04
CA PRO D 71 15.85 9.41 14.36
C PRO D 71 16.85 8.27 14.31
N ASP D 72 18.12 8.59 14.04
CA ASP D 72 19.11 7.54 13.99
C ASP D 72 19.29 6.85 15.33
N ARG D 73 19.32 7.61 16.39
CA ARG D 73 19.43 6.99 17.74
CA ARG D 73 19.43 7.03 17.74
C ARG D 73 18.21 6.16 18.07
N ARG D 74 17.01 6.62 17.69
CA ARG D 74 15.82 5.84 17.96
CA ARG D 74 15.81 5.85 17.95
C ARG D 74 15.85 4.54 17.22
N ALA D 75 16.31 4.54 15.98
CA ALA D 75 16.28 3.35 15.18
C ALA D 75 17.16 2.25 15.74
N ARG D 76 18.18 2.67 16.48
CA ARG D 76 19.18 1.73 17.02
C ARG D 76 18.90 1.35 18.45
N ALA D 77 17.91 1.96 19.10
CA ALA D 77 17.54 1.70 20.48
C ALA D 77 16.70 0.42 20.58
N THR D 78 16.65 -0.17 21.77
CA THR D 78 15.83 -1.37 22.04
C THR D 78 14.87 -1.03 23.16
N VAL D 79 13.62 -1.53 23.05
CA VAL D 79 12.64 -1.43 24.08
C VAL D 79 12.39 -2.83 24.65
N TYR D 80 12.54 -2.92 25.94
CA TYR D 80 12.21 -4.11 26.70
C TYR D 80 10.95 -3.86 27.47
N THR D 81 10.11 -4.89 27.56
CA THR D 81 8.85 -4.79 28.24
C THR D 81 8.47 -6.08 28.95
N SER D 82 7.83 -5.96 30.12
CA SER D 82 7.39 -7.15 30.83
C SER D 82 6.25 -7.82 30.07
N GLY D 83 5.37 -7.04 29.44
CA GLY D 83 4.25 -7.56 28.68
C GLY D 83 4.28 -6.95 27.30
N GLU D 84 4.08 -7.79 26.31
CA GLU D 84 4.04 -7.36 24.93
C GLU D 84 3.08 -6.14 24.75
N HIS D 85 3.57 -5.20 23.96
CA HIS D 85 2.81 -3.97 23.66
C HIS D 85 1.38 -4.26 23.22
N CYS D 86 0.44 -3.49 23.74
CA CYS D 86 -0.88 -3.40 23.18
C CYS D 86 -0.80 -2.71 21.82
N PRO D 87 -1.92 -2.72 21.05
CA PRO D 87 -1.80 -2.05 19.75
C PRO D 87 -1.50 -0.59 19.80
N MET D 88 -1.95 0.08 20.85
CA MET D 88 -1.66 1.51 20.99
C MET D 88 -0.17 1.75 21.01
N CYS D 89 0.46 0.96 21.87
CA CYS D 89 1.90 1.12 22.10
C CYS D 89 2.73 0.58 20.97
N ALA D 90 2.32 -0.52 20.36
CA ALA D 90 3.06 -1.02 19.17
C ALA D 90 3.04 -0.02 18.05
N ALA D 91 1.87 0.59 17.82
CA ALA D 91 1.78 1.56 16.76
C ALA D 91 2.62 2.79 17.08
N ALA D 92 2.58 3.28 18.34
CA ALA D 92 3.39 4.43 18.69
C ALA D 92 4.89 4.17 18.45
N HIS D 93 5.33 3.00 18.83
CA HIS D 93 6.74 2.60 18.63
C HIS D 93 7.11 2.67 17.16
N ALA D 94 6.28 2.12 16.32
CA ALA D 94 6.50 2.19 14.86
C ALA D 94 6.47 3.62 14.36
N TRP D 95 5.50 4.44 14.78
CA TRP D 95 5.45 5.80 14.31
C TRP D 95 6.73 6.58 14.59
N VAL D 96 7.31 6.40 15.78
CA VAL D 96 8.49 7.19 16.13
C VAL D 96 9.76 6.48 15.62
N GLY D 97 9.69 5.31 15.04
CA GLY D 97 10.88 4.67 14.46
C GLY D 97 11.83 4.12 15.48
N LEU D 98 11.33 3.57 16.56
CA LEU D 98 12.19 2.84 17.47
C LEU D 98 12.55 1.47 16.89
N GLY D 99 13.55 0.85 17.52
CA GLY D 99 14.15 -0.37 16.99
C GLY D 99 13.52 -1.64 17.55
N ARG D 100 14.33 -2.60 17.95
CA ARG D 100 13.87 -3.90 18.42
C ARG D 100 13.03 -3.81 19.71
N ILE D 101 12.04 -4.68 19.80
CA ILE D 101 11.29 -4.89 21.03
C ILE D 101 11.57 -6.31 21.53
N VAL D 102 11.77 -6.41 22.85
CA VAL D 102 11.89 -7.68 23.55
C VAL D 102 10.84 -7.73 24.65
N TYR D 103 10.01 -8.76 24.67
CA TYR D 103 9.01 -8.83 25.71
C TYR D 103 9.15 -10.12 26.55
N ALA D 104 8.78 -10.03 27.81
CA ALA D 104 8.85 -11.21 28.68
C ALA D 104 7.72 -12.12 28.53
N THR D 105 6.49 -11.61 28.41
CA THR D 105 5.27 -12.37 28.23
C THR D 105 4.49 -11.82 27.08
N SER D 106 3.87 -12.69 26.30
CA SER D 106 3.09 -12.25 25.12
C SER D 106 1.72 -11.75 25.53
N SER D 107 1.12 -10.98 24.64
CA SER D 107 -0.23 -10.52 24.88
C SER D 107 -1.22 -11.68 24.83
N ALA D 108 -0.91 -12.71 24.06
CA ALA D 108 -1.73 -13.95 24.08
C ALA D 108 -1.70 -14.62 25.46
N GLN D 109 -0.54 -14.63 26.09
CA GLN D 109 -0.43 -15.21 27.43
C GLN D 109 -1.28 -14.39 28.40
N LEU D 110 -1.15 -13.05 28.40
CA LEU D 110 -1.98 -12.27 29.28
C LEU D 110 -3.46 -12.48 29.01
N GLY D 111 -3.84 -12.46 27.74
CA GLY D 111 -5.24 -12.64 27.43
C GLY D 111 -5.82 -13.93 27.93
N GLY D 112 -5.02 -15.00 27.82
CA GLY D 112 -5.45 -16.31 28.27
C GLY D 112 -5.60 -16.36 29.78
N TRP D 113 -4.67 -15.73 30.51
CA TRP D 113 -4.75 -15.70 31.98
C TRP D 113 -5.95 -14.90 32.45
N LEU D 114 -6.21 -13.76 31.80
CA LEU D 114 -7.41 -12.97 32.13
C LEU D 114 -8.70 -13.78 31.95
N THR D 115 -8.79 -14.53 30.85
CA THR D 115 -9.98 -15.34 30.57
C THR D 115 -10.13 -16.40 31.67
N GLU D 116 -9.03 -17.01 32.11
CA GLU D 116 -9.06 -18.00 33.20
CA GLU D 116 -9.13 -18.03 33.10
C GLU D 116 -9.68 -17.44 34.43
N TRP D 117 -9.32 -16.20 34.75
CA TRP D 117 -9.80 -15.56 35.95
C TRP D 117 -11.25 -15.05 35.83
N GLY D 118 -11.83 -15.06 34.65
CA GLY D 118 -13.09 -14.36 34.44
C GLY D 118 -12.93 -12.87 34.55
N ALA D 119 -11.70 -12.35 34.37
CA ALA D 119 -11.44 -10.92 34.44
C ALA D 119 -11.92 -10.31 33.12
N GLN D 120 -12.28 -9.04 33.19
CA GLN D 120 -12.76 -8.32 31.98
C GLN D 120 -11.64 -8.27 30.94
N ALA D 121 -11.94 -8.70 29.72
CA ALA D 121 -10.97 -8.56 28.62
C ALA D 121 -10.69 -7.09 28.36
N PRO D 122 -9.46 -6.80 27.95
CA PRO D 122 -9.12 -5.45 27.50
C PRO D 122 -10.12 -5.04 26.36
N PRO D 123 -10.42 -3.74 26.20
CA PRO D 123 -11.23 -3.29 25.09
C PRO D 123 -10.45 -3.19 23.74
N VAL D 124 -9.18 -3.57 23.77
CA VAL D 124 -8.36 -3.69 22.60
C VAL D 124 -8.06 -5.15 22.39
N ALA D 125 -7.99 -5.55 21.12
CA ALA D 125 -7.58 -6.88 20.76
C ALA D 125 -6.14 -7.08 21.12
N THR D 126 -5.80 -8.33 21.47
CA THR D 126 -4.43 -8.69 21.84
C THR D 126 -3.62 -9.03 20.59
N LEU D 127 -3.53 -8.06 19.68
CA LEU D 127 -2.83 -8.30 18.40
C LEU D 127 -1.36 -8.44 18.63
N PRO D 128 -0.71 -9.39 18.00
CA PRO D 128 0.73 -9.40 18.05
C PRO D 128 1.33 -8.12 17.48
N ILE D 129 2.48 -7.70 18.00
CA ILE D 129 3.11 -6.48 17.53
C ILE D 129 3.16 -6.42 16.02
N ASN D 130 3.61 -7.47 15.36
CA ASN D 130 3.81 -7.32 13.92
C ASN D 130 2.52 -7.25 13.12
N THR D 131 1.36 -7.58 13.65
CA THR D 131 0.10 -7.27 12.97
C THR D 131 -0.11 -5.79 12.88
N VAL D 132 0.31 -5.05 13.92
CA VAL D 132 0.19 -3.60 13.97
C VAL D 132 1.34 -2.89 13.30
N ALA D 133 2.56 -3.37 13.50
CA ALA D 133 3.82 -2.70 13.14
C ALA D 133 4.64 -3.73 12.35
N PRO D 134 4.38 -3.86 11.04
CA PRO D 134 4.94 -4.99 10.31
C PRO D 134 6.45 -5.02 10.25
N GLY D 135 7.10 -3.89 10.31
CA GLY D 135 8.56 -3.81 10.17
C GLY D 135 9.37 -3.93 11.42
N VAL D 136 8.75 -4.01 12.58
CA VAL D 136 9.52 -4.02 13.81
C VAL D 136 10.11 -5.39 14.11
N VAL D 137 11.38 -5.44 14.55
CA VAL D 137 11.99 -6.67 14.97
C VAL D 137 11.54 -6.96 16.43
N VAL D 138 10.95 -8.11 16.61
CA VAL D 138 10.34 -8.50 17.92
C VAL D 138 10.89 -9.83 18.40
N ASP D 139 11.32 -9.90 19.65
CA ASP D 139 11.73 -11.15 20.27
C ASP D 139 10.94 -11.35 21.55
N GLY D 140 10.64 -12.60 21.86
CA GLY D 140 9.93 -12.97 23.07
C GLY D 140 8.97 -14.05 22.78
N PRO D 141 8.35 -14.66 23.79
CA PRO D 141 8.50 -14.38 25.18
C PRO D 141 9.70 -15.05 25.83
N ALA D 142 9.96 -14.79 27.10
CA ALA D 142 11.07 -15.38 27.84
C ALA D 142 10.49 -16.41 28.81
N GLU D 143 10.67 -17.70 28.51
CA GLU D 143 10.14 -18.79 29.35
C GLU D 143 10.50 -18.66 30.81
N GLU D 144 11.68 -18.18 31.12
CA GLU D 144 12.23 -18.03 32.49
C GLU D 144 11.38 -17.12 33.35
N LEU D 145 10.67 -16.18 32.72
CA LEU D 145 9.88 -15.18 33.43
C LEU D 145 8.39 -15.39 33.33
N ALA D 146 7.91 -16.44 32.71
CA ALA D 146 6.46 -16.75 32.58
C ALA D 146 5.79 -16.82 33.93
N GLU D 147 6.32 -17.61 34.85
CA GLU D 147 5.69 -17.78 36.14
C GLU D 147 5.68 -16.53 36.96
N THR D 148 6.81 -15.80 36.99
CA THR D 148 6.93 -14.57 37.71
CA THR D 148 6.82 -14.58 37.84
C THR D 148 5.82 -13.56 37.27
N MET D 149 5.72 -13.41 35.97
CA MET D 149 4.66 -12.52 35.43
C MET D 149 3.27 -13.01 35.65
N HIS D 150 3.01 -14.33 35.51
CA HIS D 150 1.73 -14.85 35.88
C HIS D 150 1.35 -14.45 37.29
N ASN D 151 2.31 -14.57 38.22
CA ASN D 151 2.03 -14.19 39.61
C ASN D 151 1.73 -12.73 39.80
N LEU D 152 2.46 -11.81 39.12
CA LEU D 152 2.17 -10.40 39.21
C LEU D 152 0.81 -10.06 38.64
N TYR D 153 0.52 -10.68 37.47
CA TYR D 153 -0.78 -10.48 36.88
C TYR D 153 -1.89 -11.00 37.78
N ARG D 154 -1.66 -12.14 38.44
CA ARG D 154 -2.65 -12.66 39.35
C ARG D 154 -2.90 -11.70 40.53
N ALA D 155 -1.86 -11.06 41.00
CA ALA D 155 -2.02 -10.11 42.11
C ALA D 155 -2.96 -8.98 41.74
N LYS D 156 -2.90 -8.53 40.48
CA LYS D 156 -3.75 -7.41 40.07
C LYS D 156 -5.08 -7.83 39.52
N PHE D 157 -5.12 -8.92 38.77
CA PHE D 157 -6.31 -9.25 37.97
C PHE D 157 -6.97 -10.56 38.35
N GLY D 158 -6.36 -11.36 39.25
CA GLY D 158 -6.97 -12.56 39.72
C GLY D 158 -8.22 -12.27 40.51
N ARG D 159 -9.14 -13.19 40.51
CA ARG D 159 -10.38 -13.00 41.26
C ARG D 159 -11.01 -14.30 41.67
#